data_7WNX
#
_entry.id   7WNX
#
_cell.length_a   1.00
_cell.length_b   1.00
_cell.length_c   1.00
_cell.angle_alpha   90.00
_cell.angle_beta   90.00
_cell.angle_gamma   90.00
#
_symmetry.space_group_name_H-M   'P 1'
#
loop_
_entity.id
_entity.type
_entity.pdbx_description
1 polymer 'Trehalose monomycolate exporter MmpL3'
2 non-polymer N-[2-(2-adamantylamino)ethyl]-1-[2,4-bis(fluoranyl)phenyl]-5-(4-chlorophenyl)-4-methyl-pyrazole-3-carboxamide
#
_entity_poly.entity_id   1
_entity_poly.type   'polypeptide(L)'
_entity_poly.pdbx_seq_one_letter_code
;FQSNAMFAWWGRTVYQFRYIVIGVMVALCLGGGVYGISLGNHVTQSGFYDEGSQSVAASLIGDEVYGRDRTSHVVAILTP
PDDKKVTDKAWQKKVTEELDQVVKDHEDQIVGWVGWLKAPDTTDPTVSAMKTQDLRHTFISIPLQGDDDDEILKNYQVVE
PELQQVNGGDIRLAGLNPLASELTGTIGEDQKRAEVAAIPLVAVVLFFVFGTVIAAALPAIIGGLAIAGALGIMRLVAEF
TPVHFFAQPVVTLIGLGIAIDYGLFIVSRFREEIAEGYDTEAAVRRTVMTSGRTVVFSAVIIVASSVPLLLFPQGFLKSI
TYAIIASVMLAAILSITVLAAALAILGPRVDALGVTTLLKIPFLANWQFSRRIIDWFAEKTQKTKTREEVERGFWGRLVN
VVMKRPIAFAAPILVVMVLLIIPLGQLSLGGISEKYLPPDNAVRQSQEQFDKLFPGFRTEPLTLVMKREDGEPITDAQIA
DMRAKALTVSGFTDPDNDPEKMWKERPANDSGSKDPSVRVIQNGLENRNDAAKKIDELRALQPPHGIEVFVGGTPALEQD
SIHSLFDKLPLMALILIVTTTVLMFLAFGSVVLPIKAALMSALTLGSTMGILTWMFVDGHGSGLMNYTPQPLMAPMIGLI
IAVIWGLSTDYEVFLVSRMVEARERGMSTAEAIRIGTATTGRLITGAALILAVVAGAFVFSDLVMMKYLAFGLLIALLLD
ATIIRMFLVPAVMKLLGDDCWWAPRWMKRVQEKLGLGETELPDERKRPTVRESETDQRALVGVGAPPPPPRPHDPTHPAP
EPVRPMPPMRSNAPSAAGTARISTPPQPPQPPQAPAQQAGDEPATTRFAMARNAVRNAVNSAVHGGAGSAAAPTERAPRP
GGPAQPPAPPQREEREIESWLGALRGPAPAKNVPQPPAQPQRPSTDTTRAMPPQGRPPAGPADRGNENAPTTAFSAQRPP
NGGAPADATTAIPTPPQREQEPSTEKLNTREDAPEDPETKRRGGGMSAQDLLRREGRL
;
_entity_poly.pdbx_strand_id   A
#
# COMPACT_ATOMS: atom_id res chain seq x y z
N PHE A 1 36.09 3.40 -5.11
CA PHE A 1 35.97 4.82 -4.80
C PHE A 1 35.29 5.60 -5.91
N GLN A 2 36.00 5.75 -7.03
CA GLN A 2 35.50 6.61 -8.11
C GLN A 2 34.25 6.02 -8.75
N SER A 3 34.25 4.71 -9.01
CA SER A 3 33.16 3.95 -9.61
C SER A 3 32.94 4.31 -11.08
N ASN A 4 33.67 5.28 -11.62
CA ASN A 4 33.48 5.66 -13.01
C ASN A 4 34.22 4.71 -13.93
N ALA A 5 35.43 4.28 -13.54
CA ALA A 5 36.09 3.19 -14.23
C ALA A 5 35.19 1.95 -14.26
N MET A 6 34.42 1.74 -13.19
CA MET A 6 33.51 0.60 -13.15
C MET A 6 32.44 0.72 -14.22
N PHE A 7 31.85 1.91 -14.37
CA PHE A 7 30.81 2.09 -15.38
C PHE A 7 31.38 2.00 -16.79
N ALA A 8 32.59 2.54 -17.00
CA ALA A 8 33.22 2.41 -18.32
C ALA A 8 33.49 0.96 -18.65
N TRP A 9 34.04 0.21 -17.69
CA TRP A 9 34.27 -1.22 -17.88
C TRP A 9 32.96 -1.94 -18.17
N TRP A 10 31.89 -1.59 -17.46
CA TRP A 10 30.59 -2.21 -17.70
C TRP A 10 30.12 -1.94 -19.12
N GLY A 11 30.30 -0.72 -19.60
CA GLY A 11 29.94 -0.39 -20.96
C GLY A 11 30.68 -1.22 -21.99
N ARG A 12 32.01 -1.19 -21.92
CA ARG A 12 32.78 -1.93 -22.93
C ARG A 12 32.58 -3.43 -22.79
N THR A 13 32.25 -3.91 -21.59
CA THR A 13 31.94 -5.33 -21.41
C THR A 13 30.62 -5.70 -22.08
N VAL A 14 29.58 -4.92 -21.80
CA VAL A 14 28.27 -5.16 -22.41
C VAL A 14 28.39 -5.18 -23.92
N TYR A 15 29.19 -4.25 -24.48
CA TYR A 15 29.35 -4.32 -25.93
C TYR A 15 30.30 -5.44 -26.36
N GLN A 16 31.20 -5.88 -25.49
CA GLN A 16 32.09 -6.99 -25.83
C GLN A 16 31.29 -8.27 -26.05
N PHE A 17 30.35 -8.56 -25.17
CA PHE A 17 29.37 -9.63 -25.43
C PHE A 17 27.97 -9.09 -25.16
N ARG A 18 27.25 -8.77 -26.24
CA ARG A 18 25.91 -8.21 -26.17
C ARG A 18 24.84 -9.19 -26.65
N TYR A 19 25.18 -10.48 -26.74
CA TYR A 19 24.21 -11.53 -26.99
C TYR A 19 24.02 -12.45 -25.79
N ILE A 20 25.11 -12.78 -25.10
CA ILE A 20 25.00 -13.60 -23.90
C ILE A 20 24.14 -12.91 -22.86
N VAL A 21 24.31 -11.60 -22.70
CA VAL A 21 23.60 -10.87 -21.66
C VAL A 21 22.10 -10.85 -21.95
N ILE A 22 21.72 -10.44 -23.15
CA ILE A 22 20.30 -10.41 -23.51
C ILE A 22 19.70 -11.80 -23.42
N GLY A 23 20.41 -12.82 -23.89
CA GLY A 23 19.92 -14.18 -23.81
C GLY A 23 19.64 -14.62 -22.40
N VAL A 24 20.66 -14.55 -21.53
CA VAL A 24 20.49 -15.03 -20.16
C VAL A 24 19.44 -14.23 -19.42
N MET A 25 19.40 -12.91 -19.64
CA MET A 25 18.47 -12.09 -18.88
C MET A 25 17.03 -12.32 -19.31
N VAL A 26 16.78 -12.38 -20.62
CA VAL A 26 15.42 -12.66 -21.08
C VAL A 26 14.98 -14.04 -20.63
N ALA A 27 15.87 -15.04 -20.74
CA ALA A 27 15.50 -16.39 -20.33
C ALA A 27 15.17 -16.44 -18.84
N LEU A 28 16.03 -15.85 -18.00
CA LEU A 28 15.81 -15.87 -16.57
C LEU A 28 14.53 -15.13 -16.20
N CYS A 29 14.27 -13.98 -16.82
CA CYS A 29 13.10 -13.21 -16.45
C CYS A 29 11.82 -13.89 -16.90
N LEU A 30 11.83 -14.51 -18.08
CA LEU A 30 10.63 -15.24 -18.53
C LEU A 30 10.39 -16.47 -17.66
N GLY A 31 11.46 -17.18 -17.28
CA GLY A 31 11.30 -18.29 -16.35
C GLY A 31 10.75 -17.86 -15.02
N GLY A 32 11.25 -16.74 -14.48
CA GLY A 32 10.72 -16.22 -13.24
C GLY A 32 9.26 -15.82 -13.35
N GLY A 33 8.88 -15.23 -14.49
CA GLY A 33 7.49 -14.88 -14.68
C GLY A 33 6.58 -16.09 -14.75
N VAL A 34 7.00 -17.13 -15.47
CA VAL A 34 6.20 -18.34 -15.55
C VAL A 34 6.12 -19.02 -14.19
N TYR A 35 7.20 -18.98 -13.42
CA TYR A 35 7.19 -19.58 -12.08
C TYR A 35 6.39 -18.76 -11.08
N GLY A 36 6.24 -17.45 -11.31
CA GLY A 36 5.52 -16.61 -10.38
C GLY A 36 4.08 -16.34 -10.79
N ILE A 37 3.68 -16.82 -11.96
CA ILE A 37 2.30 -16.71 -12.39
C ILE A 37 1.32 -17.32 -11.41
N SER A 38 1.80 -18.09 -10.44
CA SER A 38 0.98 -18.64 -9.37
C SER A 38 1.26 -17.96 -8.04
N LEU A 39 1.48 -16.65 -8.04
CA LEU A 39 1.69 -15.92 -6.80
C LEU A 39 0.47 -16.02 -5.89
N GLY A 40 -0.72 -16.06 -6.48
CA GLY A 40 -1.91 -16.34 -5.71
C GLY A 40 -1.84 -17.68 -5.00
N ASN A 41 -2.87 -17.96 -4.21
CA ASN A 41 -2.96 -19.19 -3.43
C ASN A 41 -1.85 -19.26 -2.39
N HIS A 42 -1.04 -18.20 -2.28
CA HIS A 42 0.03 -18.13 -1.31
C HIS A 42 0.12 -16.79 -0.61
N VAL A 43 -0.72 -15.83 -0.95
CA VAL A 43 -0.74 -14.54 -0.28
C VAL A 43 -1.77 -14.58 0.84
N THR A 44 -1.33 -14.29 2.05
CA THR A 44 -2.21 -14.32 3.21
C THR A 44 -2.84 -12.95 3.41
N GLN A 45 -4.17 -12.92 3.53
CA GLN A 45 -4.87 -11.67 3.79
C GLN A 45 -4.84 -11.35 5.28
N SER A 46 -3.66 -11.40 5.87
CA SER A 46 -3.50 -11.22 7.31
C SER A 46 -2.33 -10.31 7.59
N GLY A 47 -2.34 -9.76 8.80
CA GLY A 47 -1.30 -8.87 9.28
C GLY A 47 -1.72 -7.42 9.23
N PHE A 48 -2.23 -6.94 10.35
CA PHE A 48 -2.49 -5.52 10.55
C PHE A 48 -2.20 -5.11 11.98
N TYR A 49 -1.68 -6.02 12.80
CA TYR A 49 -1.57 -5.83 14.24
C TYR A 49 -0.12 -6.06 14.66
N ASP A 50 0.23 -5.45 15.79
CA ASP A 50 1.55 -5.64 16.37
C ASP A 50 1.62 -7.06 16.91
N GLU A 51 2.29 -7.96 16.18
CA GLU A 51 2.36 -9.36 16.57
C GLU A 51 3.11 -9.58 17.88
N GLY A 52 3.69 -8.55 18.47
CA GLY A 52 4.36 -8.69 19.74
C GLY A 52 3.60 -8.02 20.87
N SER A 53 2.45 -7.45 20.54
CA SER A 53 1.65 -6.74 21.53
C SER A 53 1.09 -7.72 22.56
N GLN A 54 0.44 -7.15 23.58
CA GLN A 54 -0.15 -7.96 24.64
C GLN A 54 -1.51 -8.51 24.22
N SER A 55 -2.30 -7.69 23.53
CA SER A 55 -3.65 -8.10 23.15
C SER A 55 -3.65 -9.23 22.13
N VAL A 56 -2.66 -9.28 21.25
CA VAL A 56 -2.59 -10.36 20.28
C VAL A 56 -2.35 -11.69 20.99
N ALA A 57 -1.41 -11.70 21.94
CA ALA A 57 -1.18 -12.91 22.72
C ALA A 57 -2.39 -13.26 23.57
N ALA A 58 -3.12 -12.25 24.06
CA ALA A 58 -4.36 -12.50 24.76
C ALA A 58 -5.35 -13.27 23.89
N SER A 59 -5.59 -12.76 22.68
CA SER A 59 -6.53 -13.41 21.77
C SER A 59 -6.05 -14.80 21.39
N LEU A 60 -4.73 -14.97 21.24
CA LEU A 60 -4.19 -16.30 20.93
C LEU A 60 -4.47 -17.29 22.05
N ILE A 61 -4.12 -16.91 23.29
CA ILE A 61 -4.42 -17.76 24.44
C ILE A 61 -5.90 -18.11 24.46
N GLY A 62 -6.76 -17.11 24.31
CA GLY A 62 -8.19 -17.30 24.36
C GLY A 62 -8.73 -18.27 23.34
N ASP A 63 -8.48 -18.00 22.05
CA ASP A 63 -9.03 -18.88 21.03
C ASP A 63 -8.29 -20.21 20.93
N GLU A 64 -7.15 -20.35 21.61
CA GLU A 64 -6.52 -21.66 21.68
C GLU A 64 -7.18 -22.52 22.76
N VAL A 65 -7.38 -21.97 23.96
CA VAL A 65 -7.94 -22.77 25.03
C VAL A 65 -9.44 -22.96 24.88
N TYR A 66 -10.16 -21.97 24.35
CA TYR A 66 -11.60 -22.06 24.17
C TYR A 66 -12.01 -22.50 22.77
N GLY A 67 -11.09 -22.52 21.82
CA GLY A 67 -11.43 -22.86 20.46
C GLY A 67 -12.00 -21.66 19.72
N ARG A 68 -11.50 -21.41 18.51
CA ARG A 68 -11.96 -20.24 17.76
C ARG A 68 -13.45 -20.36 17.46
N ASP A 69 -14.13 -19.23 17.48
CA ASP A 69 -15.57 -19.20 17.27
C ASP A 69 -15.88 -19.18 15.78
N ARG A 70 -16.89 -19.97 15.39
CA ARG A 70 -17.25 -20.13 13.99
C ARG A 70 -18.70 -19.76 13.73
N THR A 71 -19.35 -19.09 14.67
CA THR A 71 -20.75 -18.72 14.51
C THR A 71 -20.95 -17.53 13.59
N SER A 72 -19.87 -16.83 13.21
CA SER A 72 -19.96 -15.65 12.35
C SER A 72 -19.09 -15.80 11.11
N HIS A 73 -18.86 -17.04 10.67
CA HIS A 73 -18.10 -17.24 9.44
C HIS A 73 -18.95 -16.92 8.22
N VAL A 74 -20.17 -17.45 8.17
CA VAL A 74 -21.11 -17.18 7.09
C VAL A 74 -22.51 -17.19 7.67
N VAL A 75 -23.29 -16.15 7.38
CA VAL A 75 -24.69 -16.10 7.77
C VAL A 75 -25.52 -15.93 6.51
N ALA A 76 -26.72 -16.48 6.52
CA ALA A 76 -27.57 -16.51 5.33
C ALA A 76 -28.97 -16.09 5.71
N ILE A 77 -29.48 -15.06 5.05
CA ILE A 77 -30.85 -14.59 5.27
C ILE A 77 -31.75 -15.24 4.23
N LEU A 78 -32.84 -15.83 4.71
CA LEU A 78 -33.83 -16.51 3.88
C LEU A 78 -35.19 -15.88 4.08
N THR A 79 -35.96 -15.85 2.98
CA THR A 79 -37.33 -15.37 2.97
C THR A 79 -38.16 -16.33 2.15
N PRO A 80 -39.40 -16.61 2.54
CA PRO A 80 -40.27 -17.45 1.72
C PRO A 80 -40.63 -16.73 0.43
N PRO A 81 -40.54 -17.41 -0.71
CA PRO A 81 -40.75 -16.71 -1.98
C PRO A 81 -42.19 -16.33 -2.22
N ASP A 82 -43.14 -17.22 -1.92
CA ASP A 82 -44.54 -16.94 -2.18
C ASP A 82 -45.17 -16.09 -1.07
N ASP A 83 -44.54 -14.95 -0.77
CA ASP A 83 -45.02 -13.92 0.15
C ASP A 83 -45.76 -14.49 1.35
N LYS A 84 -45.25 -15.56 1.93
CA LYS A 84 -45.89 -16.25 3.04
C LYS A 84 -45.17 -15.93 4.34
N LYS A 85 -45.62 -16.57 5.42
CA LYS A 85 -44.93 -16.47 6.70
C LYS A 85 -43.79 -17.46 6.74
N VAL A 86 -42.95 -17.34 7.79
CA VAL A 86 -41.74 -18.14 7.85
C VAL A 86 -42.00 -19.57 8.31
N THR A 87 -43.12 -19.83 8.99
CA THR A 87 -43.39 -21.18 9.48
C THR A 87 -43.54 -22.16 8.31
N ASP A 88 -44.62 -22.02 7.54
CA ASP A 88 -44.78 -22.58 6.19
C ASP A 88 -44.12 -23.94 6.04
N LYS A 89 -44.61 -24.90 6.83
CA LYS A 89 -43.99 -26.22 6.99
C LYS A 89 -43.45 -26.84 5.70
N ALA A 90 -44.17 -26.67 4.58
CA ALA A 90 -43.73 -27.28 3.33
C ALA A 90 -42.43 -26.63 2.82
N TRP A 91 -42.43 -25.32 2.63
CA TRP A 91 -41.22 -24.61 2.23
C TRP A 91 -40.11 -24.82 3.26
N GLN A 92 -40.48 -24.83 4.54
CA GLN A 92 -39.51 -25.11 5.59
C GLN A 92 -38.81 -26.44 5.35
N LYS A 93 -39.58 -27.50 5.10
CA LYS A 93 -38.99 -28.81 4.88
C LYS A 93 -38.15 -28.84 3.60
N LYS A 94 -38.61 -28.15 2.56
CA LYS A 94 -37.85 -28.10 1.31
C LYS A 94 -36.48 -27.47 1.54
N VAL A 95 -36.45 -26.29 2.14
CA VAL A 95 -35.18 -25.61 2.40
C VAL A 95 -34.32 -26.44 3.34
N THR A 96 -34.94 -27.09 4.32
CA THR A 96 -34.19 -27.88 5.29
C THR A 96 -33.48 -29.05 4.60
N GLU A 97 -34.21 -29.81 3.77
CA GLU A 97 -33.58 -30.94 3.10
C GLU A 97 -32.54 -30.48 2.08
N GLU A 98 -32.77 -29.33 1.43
CA GLU A 98 -31.77 -28.82 0.50
C GLU A 98 -30.48 -28.48 1.23
N LEU A 99 -30.58 -27.77 2.36
CA LEU A 99 -29.40 -27.45 3.14
C LEU A 99 -28.71 -28.71 3.66
N ASP A 100 -29.51 -29.70 4.10
CA ASP A 100 -28.93 -30.94 4.59
C ASP A 100 -28.13 -31.65 3.51
N GLN A 101 -28.68 -31.74 2.30
CA GLN A 101 -27.95 -32.44 1.24
C GLN A 101 -26.74 -31.65 0.77
N VAL A 102 -26.83 -30.31 0.76
CA VAL A 102 -25.67 -29.52 0.35
C VAL A 102 -24.58 -29.53 1.41
N VAL A 103 -24.94 -29.81 2.67
CA VAL A 103 -23.92 -30.05 3.68
C VAL A 103 -23.33 -31.44 3.51
N LYS A 104 -24.17 -32.41 3.16
CA LYS A 104 -23.69 -33.77 2.90
C LYS A 104 -22.70 -33.80 1.75
N ASP A 105 -22.90 -32.95 0.74
CA ASP A 105 -22.02 -32.97 -0.42
C ASP A 105 -20.58 -32.61 -0.05
N HIS A 106 -20.38 -31.41 0.49
CA HIS A 106 -19.05 -30.88 0.81
C HIS A 106 -18.73 -31.01 2.29
N GLU A 107 -19.10 -32.14 2.89
CA GLU A 107 -19.01 -32.31 4.34
C GLU A 107 -17.61 -32.05 4.90
N ASP A 108 -16.58 -32.01 4.06
CA ASP A 108 -15.24 -31.78 4.58
C ASP A 108 -15.03 -30.34 5.03
N GLN A 109 -15.55 -29.37 4.26
CA GLN A 109 -15.34 -27.96 4.54
C GLN A 109 -16.59 -27.26 5.04
N ILE A 110 -17.52 -27.99 5.65
CA ILE A 110 -18.70 -27.41 6.29
C ILE A 110 -18.95 -28.20 7.57
N VAL A 111 -18.74 -27.55 8.71
CA VAL A 111 -18.94 -28.24 9.99
C VAL A 111 -20.41 -28.59 10.18
N GLY A 112 -21.31 -27.80 9.62
CA GLY A 112 -22.73 -28.09 9.72
C GLY A 112 -23.57 -26.88 10.10
N TRP A 113 -24.57 -26.58 9.29
CA TRP A 113 -25.42 -25.42 9.53
C TRP A 113 -26.16 -25.56 10.85
N VAL A 114 -26.37 -24.42 11.51
CA VAL A 114 -27.22 -24.34 12.70
C VAL A 114 -28.10 -23.11 12.57
N GLY A 115 -29.26 -23.16 13.21
CA GLY A 115 -30.18 -22.05 13.13
C GLY A 115 -31.56 -22.43 13.62
N TRP A 116 -32.44 -21.42 13.60
CA TRP A 116 -33.80 -21.60 14.11
C TRP A 116 -34.56 -22.66 13.32
N LEU A 117 -34.32 -22.77 12.01
CA LEU A 117 -35.01 -23.76 11.20
C LEU A 117 -34.80 -25.17 11.74
N LYS A 118 -33.63 -25.44 12.30
CA LYS A 118 -33.41 -26.70 13.00
C LYS A 118 -34.32 -26.74 14.22
N ALA A 119 -35.32 -27.62 14.21
CA ALA A 119 -36.34 -27.69 15.25
C ALA A 119 -37.01 -26.33 15.41
N PRO A 120 -37.80 -25.90 14.43
CA PRO A 120 -38.41 -24.56 14.52
C PRO A 120 -39.40 -24.41 15.65
N ASP A 121 -39.95 -25.51 16.16
CA ASP A 121 -40.90 -25.48 17.26
C ASP A 121 -40.22 -25.30 18.62
N THR A 122 -38.95 -24.90 18.63
CA THR A 122 -38.21 -24.74 19.87
C THR A 122 -38.79 -23.62 20.72
N THR A 123 -38.39 -23.60 21.98
CA THR A 123 -38.76 -22.55 22.92
C THR A 123 -37.56 -21.86 23.52
N ASP A 124 -36.38 -22.04 22.94
CA ASP A 124 -35.17 -21.42 23.46
C ASP A 124 -35.26 -19.91 23.32
N PRO A 125 -34.81 -19.15 24.34
CA PRO A 125 -34.96 -17.69 24.25
C PRO A 125 -34.16 -17.04 23.15
N THR A 126 -32.84 -17.30 23.08
CA THR A 126 -32.02 -16.59 22.09
C THR A 126 -32.25 -17.15 20.69
N VAL A 127 -32.51 -18.45 20.57
CA VAL A 127 -32.76 -19.04 19.26
C VAL A 127 -34.07 -18.54 18.69
N SER A 128 -35.00 -18.12 19.55
CA SER A 128 -36.26 -17.53 19.09
C SER A 128 -36.10 -16.09 18.65
N ALA A 129 -34.87 -15.61 18.50
CA ALA A 129 -34.60 -14.26 18.02
C ALA A 129 -34.05 -14.25 16.60
N MET A 130 -33.86 -15.41 15.99
CA MET A 130 -33.42 -15.49 14.61
C MET A 130 -34.58 -15.38 13.62
N LYS A 131 -35.74 -14.91 14.07
CA LYS A 131 -36.89 -14.70 13.22
C LYS A 131 -37.42 -13.29 13.42
N THR A 132 -37.95 -12.71 12.36
CA THR A 132 -38.52 -11.37 12.43
C THR A 132 -39.91 -11.41 13.04
N GLN A 133 -40.28 -10.32 13.70
CA GLN A 133 -41.57 -10.26 14.39
C GLN A 133 -42.73 -10.44 13.43
N ASP A 134 -42.61 -9.92 12.21
CA ASP A 134 -43.62 -10.15 11.19
C ASP A 134 -43.47 -11.49 10.49
N LEU A 135 -42.55 -12.33 10.96
CA LEU A 135 -42.39 -13.70 10.47
C LEU A 135 -42.13 -13.75 8.97
N ARG A 136 -41.54 -12.69 8.41
CA ARG A 136 -41.24 -12.65 7.00
C ARG A 136 -39.81 -13.07 6.68
N HIS A 137 -38.86 -12.81 7.56
CA HIS A 137 -37.46 -13.11 7.32
C HIS A 137 -36.91 -14.02 8.42
N THR A 138 -35.96 -14.87 8.04
CA THR A 138 -35.21 -15.66 9.02
C THR A 138 -33.77 -15.74 8.53
N PHE A 139 -32.91 -16.35 9.35
CA PHE A 139 -31.52 -16.52 8.92
C PHE A 139 -30.91 -17.72 9.63
N ILE A 140 -29.80 -18.18 9.07
CA ILE A 140 -29.05 -19.32 9.58
C ILE A 140 -27.57 -18.98 9.55
N SER A 141 -26.77 -19.82 10.19
CA SER A 141 -25.33 -19.63 10.24
C SER A 141 -24.64 -20.94 9.87
N ILE A 142 -23.61 -20.84 9.04
CA ILE A 142 -22.91 -22.00 8.51
C ILE A 142 -21.44 -21.90 8.92
N PRO A 143 -21.00 -22.68 9.91
CA PRO A 143 -19.60 -22.64 10.33
C PRO A 143 -18.74 -23.47 9.41
N LEU A 144 -17.77 -22.84 8.77
CA LEU A 144 -16.88 -23.53 7.85
C LEU A 144 -15.83 -24.32 8.63
N GLN A 145 -15.03 -25.08 7.88
CA GLN A 145 -14.02 -25.96 8.45
C GLN A 145 -12.63 -25.46 8.08
N GLY A 146 -11.78 -25.29 9.07
CA GLY A 146 -10.41 -24.85 8.83
C GLY A 146 -9.65 -24.57 10.11
N ASP A 147 -8.33 -24.49 10.01
CA ASP A 147 -7.48 -24.21 11.17
C ASP A 147 -6.78 -22.87 11.07
N ASP A 148 -6.93 -22.16 9.95
CA ASP A 148 -6.35 -20.84 9.80
C ASP A 148 -7.24 -20.03 8.86
N ASP A 149 -6.96 -18.73 8.78
CA ASP A 149 -7.83 -17.84 8.01
C ASP A 149 -7.85 -18.20 6.54
N ASP A 150 -6.69 -18.50 5.96
CA ASP A 150 -6.62 -18.78 4.54
C ASP A 150 -7.30 -20.10 4.20
N GLU A 151 -7.17 -21.11 5.06
CA GLU A 151 -7.87 -22.36 4.83
C GLU A 151 -9.38 -22.14 4.77
N ILE A 152 -9.92 -21.39 5.74
CA ILE A 152 -11.36 -21.13 5.77
C ILE A 152 -11.77 -20.32 4.55
N LEU A 153 -10.94 -19.36 4.14
CA LEU A 153 -11.28 -18.55 2.97
C LEU A 153 -11.32 -19.41 1.71
N LYS A 154 -10.35 -20.31 1.54
CA LYS A 154 -10.36 -21.20 0.38
C LYS A 154 -11.56 -22.13 0.40
N ASN A 155 -11.90 -22.65 1.59
CA ASN A 155 -13.09 -23.48 1.71
C ASN A 155 -14.34 -22.71 1.29
N TYR A 156 -14.43 -21.44 1.69
CA TYR A 156 -15.58 -20.65 1.26
C TYR A 156 -15.56 -20.43 -0.24
N GLN A 157 -14.37 -20.20 -0.80
CA GLN A 157 -14.26 -20.02 -2.25
C GLN A 157 -14.74 -21.26 -3.00
N VAL A 158 -14.47 -22.44 -2.45
CA VAL A 158 -14.85 -23.67 -3.16
C VAL A 158 -16.30 -24.06 -2.88
N VAL A 159 -16.89 -23.59 -1.78
CA VAL A 159 -18.29 -23.92 -1.48
C VAL A 159 -19.24 -22.82 -1.90
N GLU A 160 -18.74 -21.69 -2.39
CA GLU A 160 -19.59 -20.56 -2.74
C GLU A 160 -20.70 -20.92 -3.73
N PRO A 161 -20.40 -21.41 -4.94
CA PRO A 161 -21.47 -21.52 -5.94
C PRO A 161 -22.56 -22.50 -5.56
N GLU A 162 -22.23 -23.60 -4.89
CA GLU A 162 -23.25 -24.55 -4.47
C GLU A 162 -24.19 -23.96 -3.43
N LEU A 163 -23.74 -22.96 -2.66
CA LEU A 163 -24.56 -22.36 -1.62
C LEU A 163 -25.34 -21.15 -2.12
N GLN A 164 -24.82 -20.45 -3.13
CA GLN A 164 -25.51 -19.27 -3.66
C GLN A 164 -26.87 -19.61 -4.24
N GLN A 165 -27.10 -20.86 -4.63
CA GLN A 165 -28.36 -21.28 -5.24
C GLN A 165 -29.11 -22.15 -4.23
N VAL A 166 -30.06 -21.53 -3.53
CA VAL A 166 -30.88 -22.21 -2.54
C VAL A 166 -32.29 -21.65 -2.59
N ASN A 167 -33.28 -22.55 -2.67
CA ASN A 167 -34.70 -22.21 -2.72
C ASN A 167 -34.98 -21.04 -3.67
N GLY A 168 -34.31 -21.06 -4.82
CA GLY A 168 -34.52 -20.04 -5.82
C GLY A 168 -33.57 -18.87 -5.77
N GLY A 169 -32.40 -19.05 -5.16
CA GLY A 169 -31.38 -18.00 -5.17
C GLY A 169 -31.78 -16.72 -4.48
N ASP A 170 -32.78 -16.75 -3.60
CA ASP A 170 -33.12 -15.59 -2.80
C ASP A 170 -32.36 -15.54 -1.49
N ILE A 171 -31.51 -16.54 -1.23
CA ILE A 171 -30.66 -16.52 -0.06
C ILE A 171 -29.66 -15.38 -0.18
N ARG A 172 -29.44 -14.66 0.92
CA ARG A 172 -28.52 -13.53 0.93
C ARG A 172 -27.42 -13.80 1.94
N LEU A 173 -26.18 -13.93 1.45
CA LEU A 173 -25.05 -14.30 2.30
C LEU A 173 -24.33 -13.06 2.81
N ALA A 174 -23.93 -13.11 4.08
CA ALA A 174 -23.17 -12.03 4.69
C ALA A 174 -22.26 -12.62 5.77
N GLY A 175 -21.53 -11.74 6.45
CA GLY A 175 -20.64 -12.16 7.51
C GLY A 175 -19.22 -11.64 7.35
N LEU A 176 -18.26 -12.56 7.30
CA LEU A 176 -16.85 -12.21 7.26
C LEU A 176 -16.16 -12.69 6.00
N ASN A 177 -16.35 -13.95 5.64
CA ASN A 177 -15.72 -14.54 4.47
C ASN A 177 -16.25 -13.95 3.18
N PRO A 178 -17.55 -13.61 3.07
CA PRO A 178 -17.97 -12.82 1.90
C PRO A 178 -17.21 -11.52 1.76
N LEU A 179 -16.96 -10.81 2.86
CA LEU A 179 -16.20 -9.57 2.78
C LEU A 179 -14.78 -9.83 2.30
N ALA A 180 -14.11 -10.83 2.88
CA ALA A 180 -12.74 -11.13 2.48
C ALA A 180 -12.68 -11.49 1.00
N SER A 181 -13.59 -12.37 0.55
CA SER A 181 -13.61 -12.78 -0.85
C SER A 181 -13.86 -11.58 -1.75
N GLU A 182 -14.74 -10.67 -1.34
CA GLU A 182 -15.01 -9.50 -2.17
C GLU A 182 -13.79 -8.61 -2.27
N LEU A 183 -13.04 -8.45 -1.18
CA LEU A 183 -11.83 -7.63 -1.24
C LEU A 183 -10.79 -8.24 -2.18
N THR A 184 -10.57 -9.54 -2.09
CA THR A 184 -9.59 -10.16 -2.98
C THR A 184 -10.04 -10.10 -4.44
N GLY A 185 -11.33 -10.33 -4.70
CA GLY A 185 -11.84 -10.17 -6.05
C GLY A 185 -11.68 -8.75 -6.57
N THR A 186 -11.83 -7.77 -5.67
CA THR A 186 -11.61 -6.39 -6.07
C THR A 186 -10.18 -6.13 -6.45
N ILE A 187 -9.22 -6.71 -5.71
CA ILE A 187 -7.82 -6.56 -6.07
C ILE A 187 -7.55 -7.17 -7.45
N GLY A 188 -8.10 -8.35 -7.70
CA GLY A 188 -7.93 -8.98 -9.01
C GLY A 188 -8.51 -8.15 -10.13
N GLU A 189 -9.74 -7.65 -9.94
CA GLU A 189 -10.35 -6.79 -10.95
C GLU A 189 -9.54 -5.53 -11.16
N ASP A 190 -8.93 -5.00 -10.09
CA ASP A 190 -8.05 -3.85 -10.21
C ASP A 190 -6.89 -4.15 -11.14
N GLN A 191 -6.21 -5.28 -10.89
CA GLN A 191 -5.13 -5.71 -11.79
C GLN A 191 -5.60 -5.74 -13.24
N LYS A 192 -6.70 -6.44 -13.49
CA LYS A 192 -7.18 -6.62 -14.87
C LYS A 192 -7.47 -5.28 -15.53
N ARG A 193 -8.28 -4.44 -14.86
CA ARG A 193 -8.67 -3.16 -15.44
C ARG A 193 -7.47 -2.25 -15.65
N ALA A 194 -6.58 -2.19 -14.67
CA ALA A 194 -5.40 -1.32 -14.79
C ALA A 194 -4.56 -1.73 -15.98
N GLU A 195 -4.30 -3.03 -16.13
CA GLU A 195 -3.53 -3.49 -17.28
C GLU A 195 -4.22 -3.10 -18.59
N VAL A 196 -5.48 -3.49 -18.74
CA VAL A 196 -6.15 -3.38 -20.04
C VAL A 196 -6.41 -1.92 -20.41
N ALA A 197 -6.54 -1.04 -19.42
CA ALA A 197 -6.82 0.36 -19.69
C ALA A 197 -5.63 1.28 -19.44
N ALA A 198 -4.46 0.72 -19.18
CA ALA A 198 -3.25 1.51 -19.06
C ALA A 198 -2.15 1.14 -20.03
N ILE A 199 -2.21 -0.05 -20.64
CA ILE A 199 -1.24 -0.37 -21.70
C ILE A 199 -1.40 0.55 -22.91
N PRO A 200 -2.60 0.73 -23.49
CA PRO A 200 -2.68 1.55 -24.71
C PRO A 200 -2.34 3.01 -24.50
N LEU A 201 -2.75 3.61 -23.38
CA LEU A 201 -2.43 5.01 -23.14
C LEU A 201 -0.93 5.23 -23.00
N VAL A 202 -0.25 4.34 -22.28
CA VAL A 202 1.21 4.44 -22.17
C VAL A 202 1.85 4.27 -23.53
N ALA A 203 1.37 3.32 -24.33
CA ALA A 203 1.92 3.14 -25.67
C ALA A 203 1.74 4.39 -26.51
N VAL A 204 0.57 5.03 -26.42
CA VAL A 204 0.28 6.20 -27.23
C VAL A 204 1.18 7.36 -26.83
N VAL A 205 1.28 7.64 -25.52
CA VAL A 205 2.10 8.76 -25.09
C VAL A 205 3.57 8.50 -25.39
N LEU A 206 4.01 7.24 -25.28
CA LEU A 206 5.38 6.90 -25.65
C LEU A 206 5.64 7.21 -27.12
N PHE A 207 4.78 6.70 -28.00
CA PHE A 207 4.96 6.95 -29.43
C PHE A 207 4.88 8.44 -29.75
N PHE A 208 4.11 9.20 -28.97
CA PHE A 208 4.05 10.64 -29.18
C PHE A 208 5.33 11.32 -28.73
N VAL A 209 6.01 10.78 -27.73
CA VAL A 209 7.24 11.40 -27.25
C VAL A 209 8.35 11.27 -28.28
N PHE A 210 8.58 10.04 -28.77
CA PHE A 210 9.74 9.81 -29.64
C PHE A 210 9.45 10.20 -31.08
N GLY A 211 8.47 9.56 -31.70
CA GLY A 211 8.17 9.75 -33.11
C GLY A 211 8.31 8.50 -33.95
N THR A 212 8.94 7.46 -33.42
CA THR A 212 9.06 6.17 -34.08
C THR A 212 8.35 5.12 -33.23
N VAL A 213 8.47 3.85 -33.63
CA VAL A 213 7.77 2.76 -32.97
C VAL A 213 8.71 1.86 -32.18
N ILE A 214 9.87 1.53 -32.74
CA ILE A 214 10.78 0.59 -32.06
C ILE A 214 11.30 1.19 -30.77
N ALA A 215 11.80 2.43 -30.84
CA ALA A 215 12.22 3.13 -29.63
C ALA A 215 11.07 3.26 -28.65
N ALA A 216 9.86 3.51 -29.16
CA ALA A 216 8.68 3.57 -28.30
C ALA A 216 8.22 2.19 -27.85
N ALA A 217 8.81 1.12 -28.39
CA ALA A 217 8.42 -0.24 -28.04
C ALA A 217 9.36 -0.90 -27.04
N LEU A 218 10.63 -0.50 -27.02
CA LEU A 218 11.56 -1.11 -26.07
C LEU A 218 11.16 -0.92 -24.61
N PRO A 219 10.79 0.28 -24.14
CA PRO A 219 10.42 0.41 -22.72
C PRO A 219 9.23 -0.42 -22.33
N ALA A 220 8.25 -0.63 -23.22
CA ALA A 220 7.12 -1.49 -22.87
C ALA A 220 7.58 -2.91 -22.63
N ILE A 221 8.49 -3.42 -23.46
CA ILE A 221 9.01 -4.76 -23.29
C ILE A 221 9.77 -4.88 -21.97
N ILE A 222 10.60 -3.88 -21.65
CA ILE A 222 11.36 -3.99 -20.41
C ILE A 222 10.44 -3.84 -19.21
N GLY A 223 9.34 -3.09 -19.35
CA GLY A 223 8.39 -3.02 -18.26
C GLY A 223 7.69 -4.34 -18.02
N GLY A 224 7.26 -5.01 -19.09
CA GLY A 224 6.70 -6.34 -18.94
C GLY A 224 7.67 -7.30 -18.30
N LEU A 225 8.94 -7.25 -18.72
CA LEU A 225 9.95 -8.14 -18.14
C LEU A 225 10.18 -7.82 -16.67
N ALA A 226 10.15 -6.53 -16.31
CA ALA A 226 10.33 -6.15 -14.91
C ALA A 226 9.17 -6.65 -14.05
N ILE A 227 7.94 -6.54 -14.57
CA ILE A 227 6.79 -7.06 -13.83
C ILE A 227 6.93 -8.56 -13.62
N ALA A 228 7.30 -9.29 -14.68
CA ALA A 228 7.44 -10.74 -14.55
C ALA A 228 8.52 -11.10 -13.54
N GLY A 229 9.66 -10.42 -13.59
CA GLY A 229 10.72 -10.72 -12.65
C GLY A 229 10.35 -10.39 -11.22
N ALA A 230 9.64 -9.28 -11.01
CA ALA A 230 9.24 -8.92 -9.66
C ALA A 230 8.22 -9.91 -9.10
N LEU A 231 7.28 -10.36 -9.94
CA LEU A 231 6.34 -11.39 -9.50
C LEU A 231 7.06 -12.68 -9.15
N GLY A 232 8.05 -13.06 -9.97
CA GLY A 232 8.83 -14.24 -9.65
C GLY A 232 9.55 -14.12 -8.32
N ILE A 233 10.20 -12.99 -8.08
CA ILE A 233 10.95 -12.82 -6.84
C ILE A 233 10.01 -12.81 -5.63
N MET A 234 8.83 -12.20 -5.78
CA MET A 234 7.87 -12.21 -4.68
C MET A 234 7.38 -13.62 -4.39
N ARG A 235 7.05 -14.39 -5.44
CA ARG A 235 6.64 -15.77 -5.24
C ARG A 235 7.74 -16.56 -4.56
N LEU A 236 9.00 -16.27 -4.89
CA LEU A 236 10.10 -16.99 -4.27
C LEU A 236 10.26 -16.64 -2.80
N VAL A 237 10.09 -15.35 -2.46
CA VAL A 237 10.26 -14.94 -1.07
C VAL A 237 9.04 -15.31 -0.25
N ALA A 238 7.94 -15.69 -0.89
CA ALA A 238 6.74 -16.07 -0.16
C ALA A 238 6.99 -17.25 0.78
N GLU A 239 7.85 -18.19 0.39
CA GLU A 239 8.02 -19.40 1.20
C GLU A 239 8.71 -19.14 2.53
N PHE A 240 9.28 -17.95 2.75
CA PHE A 240 9.99 -17.68 3.99
C PHE A 240 9.21 -16.81 4.96
N THR A 241 8.19 -16.11 4.48
CA THR A 241 7.40 -15.22 5.33
C THR A 241 6.08 -14.95 4.62
N PRO A 242 4.99 -14.73 5.36
CA PRO A 242 3.70 -14.46 4.71
C PRO A 242 3.74 -13.14 3.94
N VAL A 243 3.26 -13.17 2.71
CA VAL A 243 3.22 -12.01 1.83
C VAL A 243 1.78 -11.53 1.76
N HIS A 244 1.52 -10.34 2.29
CA HIS A 244 0.16 -9.79 2.27
C HIS A 244 -0.32 -9.63 0.83
N PHE A 245 -1.63 -9.80 0.64
CA PHE A 245 -2.20 -9.78 -0.71
C PHE A 245 -2.15 -8.40 -1.35
N PHE A 246 -1.72 -7.37 -0.62
CA PHE A 246 -1.64 -6.02 -1.14
C PHE A 246 -0.33 -5.76 -1.87
N ALA A 247 0.43 -6.79 -2.20
CA ALA A 247 1.70 -6.63 -2.90
C ALA A 247 1.61 -7.02 -4.36
N GLN A 248 0.45 -7.42 -4.84
CA GLN A 248 0.26 -7.66 -6.27
C GLN A 248 -0.01 -6.36 -7.02
N PRO A 249 -0.86 -5.45 -6.52
CA PRO A 249 -1.05 -4.19 -7.25
C PRO A 249 0.14 -3.26 -7.15
N VAL A 250 0.85 -3.26 -6.02
CA VAL A 250 2.02 -2.40 -5.88
C VAL A 250 3.06 -2.74 -6.93
N VAL A 251 3.23 -4.03 -7.21
CA VAL A 251 4.23 -4.46 -8.18
C VAL A 251 3.81 -4.02 -9.59
N THR A 252 2.54 -4.20 -9.92
CA THR A 252 2.07 -3.80 -11.25
C THR A 252 2.09 -2.29 -11.43
N LEU A 253 2.00 -1.53 -10.34
CA LEU A 253 2.09 -0.07 -10.43
C LEU A 253 3.54 0.38 -10.60
N ILE A 254 4.43 -0.14 -9.77
CA ILE A 254 5.84 0.26 -9.78
C ILE A 254 6.63 -0.38 -10.90
N GLY A 255 6.06 -1.35 -11.60
CA GLY A 255 6.67 -1.92 -12.77
C GLY A 255 6.11 -1.42 -14.08
N LEU A 256 5.15 -0.50 -14.02
CA LEU A 256 4.72 0.24 -15.19
C LEU A 256 5.05 1.72 -15.10
N GLY A 257 5.28 2.25 -13.91
CA GLY A 257 5.82 3.59 -13.81
C GLY A 257 7.33 3.62 -13.98
N ILE A 258 8.03 2.98 -13.04
CA ILE A 258 9.47 3.18 -12.88
C ILE A 258 10.23 2.57 -14.05
N ALA A 259 9.89 1.33 -14.42
CA ALA A 259 10.61 0.66 -15.49
C ALA A 259 10.45 1.40 -16.81
N ILE A 260 9.21 1.75 -17.15
CA ILE A 260 8.93 2.49 -18.37
C ILE A 260 9.70 3.80 -18.37
N ASP A 261 9.70 4.47 -17.22
CA ASP A 261 10.39 5.78 -17.04
C ASP A 261 11.89 5.63 -17.34
N TYR A 262 12.55 4.68 -16.68
CA TYR A 262 13.98 4.47 -16.85
C TYR A 262 14.31 4.13 -18.30
N GLY A 263 13.53 3.23 -18.90
CA GLY A 263 13.76 2.88 -20.29
C GLY A 263 13.64 4.09 -21.21
N LEU A 264 12.63 4.93 -20.98
CA LEU A 264 12.46 6.14 -21.77
C LEU A 264 13.69 7.02 -21.66
N PHE A 265 14.16 7.26 -20.44
CA PHE A 265 15.33 8.11 -20.23
C PHE A 265 16.55 7.56 -20.99
N ILE A 266 16.81 6.27 -20.86
CA ILE A 266 17.99 5.68 -21.46
C ILE A 266 17.92 5.77 -22.99
N VAL A 267 16.78 5.39 -23.56
CA VAL A 267 16.64 5.42 -25.01
C VAL A 267 16.74 6.84 -25.53
N SER A 268 16.21 7.81 -24.78
CA SER A 268 16.31 9.20 -25.19
C SER A 268 17.77 9.66 -25.24
N ARG A 269 18.52 9.36 -24.18
CA ARG A 269 19.92 9.75 -24.16
C ARG A 269 20.70 9.10 -25.28
N PHE A 270 20.39 7.84 -25.59
CA PHE A 270 21.10 7.14 -26.65
C PHE A 270 20.79 7.76 -28.01
N ARG A 271 19.51 7.99 -28.29
CA ARG A 271 19.13 8.64 -29.54
C ARG A 271 19.72 10.04 -29.66
N GLU A 272 19.96 10.71 -28.55
CA GLU A 272 20.60 12.02 -28.60
C GLU A 272 22.09 11.90 -28.90
N GLU A 273 22.80 11.09 -28.14
CA GLU A 273 24.25 10.95 -28.32
C GLU A 273 24.64 10.21 -29.58
N ILE A 274 23.69 9.59 -30.29
CA ILE A 274 24.00 9.01 -31.60
C ILE A 274 23.91 10.04 -32.71
N ALA A 275 23.34 11.21 -32.45
CA ALA A 275 23.19 12.24 -33.48
C ALA A 275 24.51 12.96 -33.79
N GLU A 276 25.61 12.59 -33.14
CA GLU A 276 26.91 13.19 -33.41
C GLU A 276 27.78 12.31 -34.29
N GLY A 277 27.21 11.30 -34.94
CA GLY A 277 27.99 10.42 -35.77
C GLY A 277 28.85 9.44 -35.00
N TYR A 278 28.60 9.27 -33.71
CA TYR A 278 29.39 8.34 -32.91
C TYR A 278 29.14 6.91 -33.33
N ASP A 279 30.17 6.08 -33.16
CA ASP A 279 30.00 4.64 -33.37
C ASP A 279 29.18 4.05 -32.23
N THR A 280 28.46 2.97 -32.53
CA THR A 280 27.55 2.38 -31.55
C THR A 280 28.25 2.01 -30.26
N GLU A 281 29.51 1.59 -30.33
CA GLU A 281 30.24 1.22 -29.11
C GLU A 281 30.44 2.43 -28.21
N ALA A 282 30.99 3.52 -28.75
CA ALA A 282 31.20 4.72 -27.96
C ALA A 282 29.88 5.31 -27.49
N ALA A 283 28.85 5.24 -28.33
CA ALA A 283 27.53 5.72 -27.92
C ALA A 283 27.03 4.94 -26.72
N VAL A 284 27.11 3.62 -26.78
CA VAL A 284 26.68 2.79 -25.66
C VAL A 284 27.50 3.12 -24.41
N ARG A 285 28.81 3.34 -24.58
CA ARG A 285 29.64 3.64 -23.40
C ARG A 285 29.23 4.95 -22.76
N ARG A 286 28.99 6.00 -23.56
CA ARG A 286 28.60 7.29 -23.01
C ARG A 286 27.24 7.21 -22.33
N THR A 287 26.25 6.62 -23.01
CA THR A 287 24.94 6.46 -22.41
C THR A 287 25.02 5.68 -21.11
N VAL A 288 25.72 4.54 -21.12
CA VAL A 288 25.88 3.76 -19.90
C VAL A 288 26.43 4.64 -18.79
N MET A 289 27.60 5.24 -19.00
CA MET A 289 28.20 6.05 -17.96
C MET A 289 27.21 7.06 -17.41
N THR A 290 26.76 8.02 -18.22
CA THR A 290 25.98 9.12 -17.67
C THR A 290 24.60 8.65 -17.20
N SER A 291 23.80 8.11 -18.11
CA SER A 291 22.42 7.80 -17.77
C SER A 291 22.32 6.63 -16.80
N GLY A 292 23.13 5.59 -16.98
CA GLY A 292 23.17 4.53 -15.99
C GLY A 292 23.57 5.03 -14.62
N ARG A 293 24.50 5.99 -14.55
CA ARG A 293 24.86 6.55 -13.25
C ARG A 293 23.65 7.21 -12.60
N THR A 294 22.96 8.09 -13.34
CA THR A 294 21.86 8.80 -12.71
C THR A 294 20.70 7.85 -12.40
N VAL A 295 20.49 6.83 -13.22
CA VAL A 295 19.41 5.87 -12.97
C VAL A 295 19.71 5.03 -11.75
N VAL A 296 20.95 4.53 -11.64
CA VAL A 296 21.34 3.76 -10.47
C VAL A 296 21.24 4.62 -9.21
N PHE A 297 21.58 5.90 -9.31
CA PHE A 297 21.48 6.76 -8.13
C PHE A 297 20.02 7.00 -7.75
N SER A 298 19.14 7.16 -8.74
CA SER A 298 17.72 7.29 -8.45
C SER A 298 17.18 6.02 -7.78
N ALA A 299 17.59 4.85 -8.27
CA ALA A 299 17.14 3.60 -7.68
C ALA A 299 17.64 3.47 -6.24
N VAL A 300 18.88 3.84 -5.98
CA VAL A 300 19.41 3.77 -4.63
C VAL A 300 18.68 4.74 -3.72
N ILE A 301 18.33 5.93 -4.23
CA ILE A 301 17.59 6.89 -3.43
C ILE A 301 16.22 6.33 -3.05
N ILE A 302 15.52 5.76 -4.02
CA ILE A 302 14.20 5.18 -3.75
C ILE A 302 14.31 4.06 -2.74
N VAL A 303 15.31 3.19 -2.90
CA VAL A 303 15.46 2.06 -1.98
C VAL A 303 15.77 2.55 -0.56
N ALA A 304 16.69 3.50 -0.43
CA ALA A 304 17.07 3.98 0.89
C ALA A 304 16.04 4.93 1.49
N SER A 305 15.04 5.35 0.72
CA SER A 305 13.92 6.08 1.27
C SER A 305 12.72 5.19 1.55
N SER A 306 12.68 3.99 1.00
CA SER A 306 11.60 3.05 1.28
C SER A 306 12.01 1.93 2.22
N VAL A 307 13.27 1.87 2.63
CA VAL A 307 13.71 0.88 3.62
C VAL A 307 13.23 1.20 5.03
N PRO A 308 13.23 2.46 5.50
CA PRO A 308 12.84 2.72 6.91
C PRO A 308 11.48 2.17 7.33
N LEU A 309 10.68 1.69 6.38
CA LEU A 309 9.41 1.05 6.74
C LEU A 309 9.61 -0.21 7.55
N LEU A 310 10.82 -0.79 7.54
CA LEU A 310 11.07 -2.03 8.26
C LEU A 310 11.08 -1.85 9.77
N LEU A 311 11.01 -0.61 10.27
CA LEU A 311 10.96 -0.41 11.72
C LEU A 311 9.62 -0.83 12.30
N PHE A 312 8.54 -0.57 11.57
CA PHE A 312 7.21 -0.87 12.08
C PHE A 312 6.98 -2.38 12.10
N PRO A 313 6.22 -2.89 13.06
CA PRO A 313 6.00 -4.34 13.16
C PRO A 313 4.84 -4.89 12.35
N GLN A 314 3.99 -4.03 11.78
CA GLN A 314 2.86 -4.50 11.00
C GLN A 314 3.32 -5.34 9.82
N GLY A 315 2.91 -6.59 9.80
CA GLY A 315 3.25 -7.49 8.70
C GLY A 315 2.72 -7.06 7.36
N PHE A 316 1.94 -5.98 7.34
CA PHE A 316 1.43 -5.45 6.08
C PHE A 316 2.45 -4.54 5.40
N LEU A 317 3.33 -3.90 6.16
CA LEU A 317 4.30 -2.98 5.59
C LEU A 317 5.55 -3.67 5.09
N LYS A 318 5.94 -4.78 5.71
CA LYS A 318 7.16 -5.47 5.27
C LYS A 318 6.99 -6.07 3.89
N SER A 319 5.80 -6.56 3.57
CA SER A 319 5.57 -7.09 2.22
C SER A 319 5.65 -5.98 1.19
N ILE A 320 5.09 -4.81 1.50
CA ILE A 320 5.17 -3.68 0.58
C ILE A 320 6.63 -3.25 0.40
N THR A 321 7.39 -3.27 1.48
CA THR A 321 8.81 -2.91 1.39
C THR A 321 9.57 -3.88 0.49
N TYR A 322 9.33 -5.19 0.67
CA TYR A 322 9.99 -6.17 -0.16
C TYR A 322 9.60 -6.00 -1.62
N ALA A 323 8.33 -5.73 -1.89
CA ALA A 323 7.88 -5.55 -3.26
C ALA A 323 8.57 -4.35 -3.89
N ILE A 324 8.57 -3.20 -3.20
CA ILE A 324 9.19 -2.00 -3.74
C ILE A 324 10.67 -2.24 -4.01
N ILE A 325 11.39 -2.78 -3.02
CA ILE A 325 12.82 -3.00 -3.19
C ILE A 325 13.10 -3.92 -4.38
N ALA A 326 12.44 -5.08 -4.41
CA ALA A 326 12.68 -6.04 -5.48
C ALA A 326 12.40 -5.43 -6.84
N SER A 327 11.23 -4.78 -6.99
CA SER A 327 10.86 -4.29 -8.30
C SER A 327 11.76 -3.14 -8.75
N VAL A 328 12.09 -2.21 -7.85
CA VAL A 328 12.96 -1.10 -8.23
C VAL A 328 14.34 -1.60 -8.63
N MET A 329 14.92 -2.47 -7.81
CA MET A 329 16.27 -2.96 -8.09
C MET A 329 16.30 -3.73 -9.40
N LEU A 330 15.33 -4.63 -9.61
CA LEU A 330 15.29 -5.38 -10.85
C LEU A 330 15.01 -4.49 -12.04
N ALA A 331 14.22 -3.42 -11.86
CA ALA A 331 13.99 -2.49 -12.95
C ALA A 331 15.27 -1.77 -13.36
N ALA A 332 16.05 -1.32 -12.37
CA ALA A 332 17.32 -0.67 -12.68
C ALA A 332 18.27 -1.61 -13.41
N ILE A 333 18.39 -2.84 -12.92
CA ILE A 333 19.31 -3.80 -13.52
C ILE A 333 18.88 -4.13 -14.96
N LEU A 334 17.60 -4.50 -15.12
CA LEU A 334 17.06 -4.74 -16.46
C LEU A 334 17.33 -3.55 -17.37
N SER A 335 17.05 -2.35 -16.89
CA SER A 335 17.24 -1.14 -17.70
C SER A 335 18.67 -1.10 -18.21
N ILE A 336 19.64 -0.97 -17.32
CA ILE A 336 21.03 -0.80 -17.78
C ILE A 336 21.43 -1.94 -18.69
N THR A 337 21.38 -3.18 -18.20
CA THR A 337 21.93 -4.31 -18.95
C THR A 337 21.19 -4.51 -20.27
N VAL A 338 19.88 -4.80 -20.20
CA VAL A 338 19.16 -5.20 -21.41
C VAL A 338 19.03 -4.03 -22.38
N LEU A 339 18.83 -2.81 -21.88
CA LEU A 339 18.79 -1.67 -22.79
C LEU A 339 20.10 -1.51 -23.53
N ALA A 340 21.23 -1.56 -22.81
CA ALA A 340 22.51 -1.43 -23.49
C ALA A 340 22.70 -2.55 -24.52
N ALA A 341 22.33 -3.78 -24.16
CA ALA A 341 22.51 -4.90 -25.08
C ALA A 341 21.63 -4.75 -26.33
N ALA A 342 20.36 -4.38 -26.14
CA ALA A 342 19.46 -4.26 -27.27
C ALA A 342 19.85 -3.10 -28.18
N LEU A 343 20.25 -1.98 -27.59
CA LEU A 343 20.75 -0.86 -28.39
C LEU A 343 22.00 -1.25 -29.16
N ALA A 344 22.90 -2.02 -28.54
CA ALA A 344 24.08 -2.50 -29.23
C ALA A 344 23.70 -3.37 -30.42
N ILE A 345 22.84 -4.37 -30.21
CA ILE A 345 22.50 -5.26 -31.32
C ILE A 345 21.64 -4.56 -32.36
N LEU A 346 21.03 -3.43 -32.02
CA LEU A 346 20.20 -2.69 -32.98
C LEU A 346 21.02 -1.62 -33.69
N GLY A 347 21.58 -0.68 -32.94
CA GLY A 347 22.37 0.38 -33.51
C GLY A 347 21.53 1.42 -34.23
N PRO A 348 21.97 1.80 -35.44
CA PRO A 348 21.33 2.92 -36.13
C PRO A 348 19.95 2.62 -36.69
N ARG A 349 19.46 1.40 -36.58
CA ARG A 349 18.14 1.06 -37.10
C ARG A 349 17.01 1.42 -36.14
N VAL A 350 17.28 2.25 -35.15
CA VAL A 350 16.27 2.62 -34.15
C VAL A 350 15.59 3.93 -34.52
N ASP A 351 15.74 4.39 -35.76
CA ASP A 351 15.07 5.59 -36.24
C ASP A 351 14.14 5.32 -37.41
N ALA A 352 14.52 4.44 -38.32
CA ALA A 352 13.66 4.00 -39.42
C ALA A 352 12.75 2.90 -38.91
N LEU A 353 12.08 2.20 -39.84
CA LEU A 353 11.22 1.06 -39.52
C LEU A 353 10.10 1.47 -38.55
N GLY A 354 9.18 2.26 -39.11
CA GLY A 354 8.15 2.90 -38.31
C GLY A 354 7.72 4.23 -38.90
N VAL A 355 8.42 4.68 -39.94
CA VAL A 355 7.95 5.80 -40.73
C VAL A 355 6.79 5.31 -41.60
N THR A 356 5.67 6.01 -41.54
CA THR A 356 4.45 5.62 -42.25
C THR A 356 4.03 4.20 -41.88
N GLU A 388 12.26 20.49 -28.68
CA GLU A 388 12.92 21.06 -29.84
C GLU A 388 13.05 22.57 -29.66
N GLU A 389 12.87 23.34 -30.74
CA GLU A 389 13.08 24.78 -30.69
C GLU A 389 11.96 25.47 -29.90
N VAL A 390 10.69 25.12 -30.18
CA VAL A 390 9.58 25.82 -29.55
C VAL A 390 9.48 25.47 -28.07
N GLU A 391 9.69 24.20 -27.74
CA GLU A 391 9.58 23.77 -26.35
C GLU A 391 10.70 24.35 -25.49
N ARG A 392 11.95 24.22 -25.96
CA ARG A 392 13.07 24.79 -25.22
C ARG A 392 12.93 26.31 -25.12
N GLY A 393 12.50 26.96 -26.20
CA GLY A 393 12.26 28.39 -26.13
C GLY A 393 11.20 28.76 -25.11
N PHE A 394 10.15 27.94 -25.02
CA PHE A 394 9.10 28.17 -24.04
C PHE A 394 9.65 28.08 -22.62
N TRP A 395 10.36 26.99 -22.32
CA TRP A 395 10.90 26.82 -20.98
C TRP A 395 11.91 27.90 -20.64
N GLY A 396 12.70 28.34 -21.63
CA GLY A 396 13.66 29.40 -21.43
C GLY A 396 13.00 30.73 -21.14
N ARG A 397 12.01 31.10 -21.95
CA ARG A 397 11.25 32.31 -21.69
C ARG A 397 10.58 32.26 -20.32
N LEU A 398 10.10 31.07 -19.93
CA LEU A 398 9.44 30.93 -18.64
C LEU A 398 10.42 31.20 -17.51
N VAL A 399 11.56 30.52 -17.52
CA VAL A 399 12.53 30.71 -16.43
C VAL A 399 13.05 32.14 -16.43
N ASN A 400 13.20 32.74 -17.62
CA ASN A 400 13.64 34.12 -17.69
C ASN A 400 12.63 35.05 -17.02
N VAL A 401 11.36 34.94 -17.39
CA VAL A 401 10.36 35.86 -16.85
C VAL A 401 10.06 35.58 -15.39
N VAL A 402 10.36 34.39 -14.88
CA VAL A 402 10.15 34.13 -13.46
C VAL A 402 11.37 34.48 -12.61
N MET A 403 12.56 34.52 -13.18
CA MET A 403 13.74 34.92 -12.42
C MET A 403 13.87 36.42 -12.24
N LYS A 404 13.09 37.22 -12.98
CA LYS A 404 13.20 38.67 -12.87
C LYS A 404 12.79 39.19 -11.49
N ARG A 405 12.05 38.41 -10.72
CA ARG A 405 11.73 38.80 -9.35
C ARG A 405 11.46 37.55 -8.51
N PRO A 406 12.33 37.23 -7.55
CA PRO A 406 12.14 36.01 -6.75
C PRO A 406 10.95 36.07 -5.81
N ILE A 407 10.83 37.16 -5.04
CA ILE A 407 9.84 37.21 -3.97
C ILE A 407 8.42 37.19 -4.55
N ALA A 408 8.21 37.85 -5.69
CA ALA A 408 6.89 37.91 -6.31
C ALA A 408 6.40 36.55 -6.76
N PHE A 409 7.24 35.52 -6.76
CA PHE A 409 6.82 34.17 -7.05
C PHE A 409 7.15 33.19 -5.93
N ALA A 410 7.81 33.66 -4.87
CA ALA A 410 8.09 32.83 -3.71
C ALA A 410 7.14 33.08 -2.55
N ALA A 411 6.49 34.24 -2.50
CA ALA A 411 5.55 34.52 -1.41
C ALA A 411 4.20 33.84 -1.60
N PRO A 412 3.52 34.01 -2.76
CA PRO A 412 2.18 33.43 -2.87
C PRO A 412 2.16 31.91 -2.83
N ILE A 413 3.06 31.25 -3.56
CA ILE A 413 3.08 29.81 -3.59
C ILE A 413 3.38 29.25 -2.21
N LEU A 414 4.31 29.88 -1.49
CA LEU A 414 4.65 29.40 -0.16
C LEU A 414 3.50 29.60 0.82
N VAL A 415 2.83 30.76 0.78
CA VAL A 415 1.72 30.95 1.71
C VAL A 415 0.58 29.99 1.38
N VAL A 416 0.38 29.68 0.09
CA VAL A 416 -0.65 28.72 -0.30
C VAL A 416 -0.32 27.34 0.24
N MET A 417 0.93 26.90 0.08
CA MET A 417 1.30 25.56 0.51
C MET A 417 1.59 25.44 2.00
N VAL A 418 1.58 26.56 2.73
CA VAL A 418 1.59 26.48 4.19
C VAL A 418 0.19 26.66 4.78
N LEU A 419 -0.74 27.24 4.05
CA LEU A 419 -2.13 27.28 4.50
C LEU A 419 -2.96 26.13 3.94
N LEU A 420 -2.39 25.31 3.07
CA LEU A 420 -3.03 24.07 2.63
C LEU A 420 -2.66 22.88 3.49
N ILE A 421 -2.02 23.11 4.64
CA ILE A 421 -1.62 22.05 5.56
C ILE A 421 -2.46 22.03 6.82
N ILE A 422 -3.39 22.97 6.97
CA ILE A 422 -4.24 23.06 8.15
C ILE A 422 -5.24 21.90 8.28
N PRO A 423 -5.71 21.24 7.19
CA PRO A 423 -6.63 20.10 7.39
C PRO A 423 -6.03 18.94 8.18
N LEU A 424 -4.75 19.04 8.56
CA LEU A 424 -4.15 18.00 9.39
C LEU A 424 -4.67 17.99 10.83
N GLY A 425 -5.61 18.86 11.16
CA GLY A 425 -6.19 18.86 12.50
C GLY A 425 -7.22 17.76 12.67
N GLN A 426 -7.96 17.46 11.61
CA GLN A 426 -8.98 16.41 11.63
C GLN A 426 -8.38 15.14 11.05
N LEU A 427 -7.54 14.49 11.85
CA LEU A 427 -6.83 13.27 11.45
C LEU A 427 -7.16 12.18 12.46
N SER A 428 -8.20 11.40 12.17
CA SER A 428 -8.58 10.26 12.97
C SER A 428 -8.41 8.98 12.16
N LEU A 429 -8.01 7.91 12.84
CA LEU A 429 -7.71 6.65 12.18
C LEU A 429 -8.57 5.53 12.75
N GLY A 430 -8.69 4.46 11.97
CA GLY A 430 -9.49 3.33 12.37
C GLY A 430 -9.06 2.07 11.65
N GLY A 431 -9.91 1.04 11.73
CA GLY A 431 -9.64 -0.24 11.16
C GLY A 431 -10.41 -0.51 9.89
N ILE A 432 -10.45 -1.78 9.50
CA ILE A 432 -11.13 -2.21 8.28
C ILE A 432 -12.57 -2.57 8.61
N SER A 433 -13.50 -2.11 7.78
CA SER A 433 -14.91 -2.43 7.92
C SER A 433 -15.44 -2.76 6.54
N GLU A 434 -16.76 -2.89 6.43
CA GLU A 434 -17.38 -3.12 5.13
C GLU A 434 -17.63 -1.83 4.37
N LYS A 435 -17.30 -0.68 4.94
CA LYS A 435 -17.43 0.60 4.27
C LYS A 435 -16.25 0.92 3.37
N TYR A 436 -15.42 -0.07 3.06
CA TYR A 436 -14.33 0.10 2.10
C TYR A 436 -14.75 -0.28 0.69
N LEU A 437 -16.02 -0.16 0.38
CA LEU A 437 -16.58 -0.55 -0.91
C LEU A 437 -17.56 0.53 -1.35
N PRO A 438 -17.84 0.62 -2.65
CA PRO A 438 -18.85 1.56 -3.12
C PRO A 438 -20.19 1.28 -2.48
N PRO A 439 -20.91 2.31 -2.03
CA PRO A 439 -22.16 2.08 -1.28
C PRO A 439 -23.27 1.44 -2.10
N ASP A 440 -23.03 1.11 -3.36
CA ASP A 440 -23.99 0.38 -4.16
C ASP A 440 -23.54 -1.05 -4.46
N ASN A 441 -22.54 -1.54 -3.75
CA ASN A 441 -22.05 -2.89 -3.97
C ASN A 441 -23.07 -3.92 -3.50
N ALA A 442 -22.86 -5.17 -3.91
CA ALA A 442 -23.78 -6.23 -3.53
C ALA A 442 -23.57 -6.67 -2.08
N VAL A 443 -22.33 -6.98 -1.71
CA VAL A 443 -22.06 -7.56 -0.40
C VAL A 443 -22.33 -6.55 0.71
N ARG A 444 -21.91 -5.30 0.50
CA ARG A 444 -22.10 -4.28 1.53
C ARG A 444 -23.58 -4.04 1.80
N GLN A 445 -24.39 -3.99 0.74
CA GLN A 445 -25.83 -3.81 0.92
C GLN A 445 -26.43 -4.98 1.69
N SER A 446 -26.01 -6.20 1.38
CA SER A 446 -26.52 -7.36 2.10
C SER A 446 -26.14 -7.32 3.57
N GLN A 447 -24.89 -6.93 3.86
CA GLN A 447 -24.45 -6.85 5.25
C GLN A 447 -25.25 -5.80 6.02
N GLU A 448 -25.43 -4.62 5.40
CA GLU A 448 -26.19 -3.57 6.08
C GLU A 448 -27.65 -3.98 6.26
N GLN A 449 -28.22 -4.68 5.30
CA GLN A 449 -29.59 -5.17 5.43
C GLN A 449 -29.70 -6.16 6.58
N PHE A 450 -28.74 -7.08 6.68
CA PHE A 450 -28.74 -8.02 7.80
C PHE A 450 -28.61 -7.30 9.13
N ASP A 451 -27.76 -6.27 9.19
CA ASP A 451 -27.57 -5.55 10.43
C ASP A 451 -28.79 -4.69 10.78
N LYS A 452 -29.57 -4.29 9.79
CA LYS A 452 -30.79 -3.53 10.08
C LYS A 452 -31.92 -4.45 10.52
N LEU A 453 -32.12 -5.57 9.82
CA LEU A 453 -33.17 -6.50 10.19
C LEU A 453 -32.91 -7.10 11.57
N PHE A 454 -31.77 -7.77 11.73
CA PHE A 454 -31.43 -8.44 12.98
C PHE A 454 -30.39 -7.62 13.73
N PRO A 455 -30.78 -6.82 14.71
CA PRO A 455 -29.80 -6.07 15.50
C PRO A 455 -29.32 -6.88 16.70
N GLY A 456 -28.19 -6.43 17.25
CA GLY A 456 -27.61 -7.06 18.42
C GLY A 456 -26.81 -8.31 18.16
N PHE A 457 -26.95 -8.93 16.99
CA PHE A 457 -26.21 -10.13 16.65
C PHE A 457 -24.86 -9.82 15.98
N ARG A 458 -24.32 -8.63 16.20
CA ARG A 458 -23.01 -8.24 15.67
C ARG A 458 -22.35 -7.39 16.74
N THR A 459 -21.50 -8.02 17.55
CA THR A 459 -20.91 -7.36 18.71
C THR A 459 -19.40 -7.56 18.69
N GLU A 460 -18.70 -6.61 19.32
CA GLU A 460 -17.25 -6.64 19.45
C GLU A 460 -16.90 -6.47 20.92
N PRO A 461 -16.76 -7.56 21.65
CA PRO A 461 -16.53 -7.48 23.10
C PRO A 461 -15.07 -7.12 23.39
N LEU A 462 -14.78 -7.00 24.69
CA LEU A 462 -13.43 -6.73 25.19
C LEU A 462 -13.11 -7.84 26.19
N THR A 463 -12.48 -8.90 25.72
CA THR A 463 -12.16 -10.03 26.57
C THR A 463 -11.27 -9.59 27.73
N LEU A 464 -11.28 -10.40 28.80
CA LEU A 464 -10.48 -10.17 30.00
C LEU A 464 -9.81 -11.46 30.42
N VAL A 465 -9.14 -12.12 29.47
CA VAL A 465 -8.54 -13.43 29.72
C VAL A 465 -7.61 -13.35 30.92
N MET A 466 -7.76 -14.32 31.82
CA MET A 466 -6.95 -14.42 33.03
C MET A 466 -6.17 -15.72 33.01
N LYS A 467 -4.85 -15.64 33.12
CA LYS A 467 -4.00 -16.82 33.10
C LYS A 467 -3.50 -17.12 34.51
N ARG A 468 -3.35 -18.40 34.79
CA ARG A 468 -2.96 -18.86 36.11
C ARG A 468 -1.47 -18.67 36.33
N GLU A 469 -1.11 -17.95 37.39
CA GLU A 469 0.26 -17.94 37.87
C GLU A 469 0.45 -19.01 38.95
N ASP A 470 -0.39 -18.97 39.98
CA ASP A 470 -0.44 -20.01 41.01
C ASP A 470 -1.86 -20.57 41.06
N GLY A 471 -1.98 -21.74 41.68
CA GLY A 471 -3.28 -22.37 41.77
C GLY A 471 -3.75 -22.91 40.43
N GLU A 472 -3.11 -23.99 39.96
CA GLU A 472 -3.36 -24.63 38.67
C GLU A 472 -4.84 -24.66 38.30
N PRO A 473 -5.76 -25.04 39.22
CA PRO A 473 -7.17 -24.76 38.96
C PRO A 473 -7.55 -23.39 39.49
N ILE A 474 -8.09 -22.52 38.64
CA ILE A 474 -8.43 -21.18 39.09
C ILE A 474 -9.71 -21.26 39.89
N THR A 475 -9.58 -21.33 41.21
CA THR A 475 -10.71 -21.56 42.09
C THR A 475 -11.72 -20.43 41.95
N ASP A 476 -12.97 -20.74 42.25
CA ASP A 476 -14.05 -19.79 42.03
C ASP A 476 -13.96 -18.64 43.04
N ALA A 477 -14.81 -17.64 42.82
CA ALA A 477 -14.90 -16.40 43.58
C ALA A 477 -13.71 -15.49 43.28
N GLN A 478 -12.70 -16.03 42.59
CA GLN A 478 -11.66 -15.18 42.02
C GLN A 478 -12.21 -14.42 40.82
N ILE A 479 -12.90 -15.14 39.93
CA ILE A 479 -13.65 -14.48 38.86
C ILE A 479 -14.65 -13.48 39.46
N ALA A 480 -15.20 -13.81 40.63
CA ALA A 480 -16.20 -12.92 41.24
C ALA A 480 -15.56 -11.61 41.72
N ASP A 481 -14.45 -11.71 42.46
CA ASP A 481 -13.80 -10.47 42.89
C ASP A 481 -13.22 -9.71 41.71
N MET A 482 -12.82 -10.40 40.64
CA MET A 482 -12.33 -9.69 39.46
C MET A 482 -13.47 -8.95 38.76
N ARG A 483 -14.64 -9.56 38.65
CA ARG A 483 -15.81 -8.86 38.14
C ARG A 483 -16.14 -7.65 39.01
N ALA A 484 -16.08 -7.81 40.33
CA ALA A 484 -16.31 -6.68 41.23
C ALA A 484 -15.32 -5.56 40.98
N LYS A 485 -14.05 -5.90 40.79
CA LYS A 485 -13.03 -4.92 40.48
C LYS A 485 -13.34 -4.20 39.16
N ALA A 486 -13.69 -4.97 38.13
CA ALA A 486 -13.90 -4.39 36.80
C ALA A 486 -15.21 -3.63 36.67
N LEU A 487 -16.16 -3.83 37.59
CA LEU A 487 -17.41 -3.10 37.50
C LEU A 487 -17.30 -1.64 37.92
N THR A 488 -16.09 -1.14 38.20
CA THR A 488 -15.94 0.26 38.53
C THR A 488 -15.83 1.13 37.28
N VAL A 489 -15.36 0.57 36.17
CA VAL A 489 -15.28 1.32 34.92
C VAL A 489 -16.69 1.55 34.38
N SER A 490 -16.91 2.73 33.82
CA SER A 490 -18.19 3.09 33.22
C SER A 490 -18.11 3.02 31.70
N GLY A 491 -19.26 3.15 31.07
CA GLY A 491 -19.35 3.11 29.62
C GLY A 491 -19.55 1.75 29.01
N PHE A 492 -20.03 0.78 29.77
CA PHE A 492 -20.23 -0.58 29.30
C PHE A 492 -21.72 -0.89 29.22
N THR A 493 -22.12 -1.56 28.15
CA THR A 493 -23.52 -1.85 27.92
C THR A 493 -24.05 -2.82 28.97
N ASP A 494 -25.38 -2.85 29.09
CA ASP A 494 -26.06 -3.75 30.03
C ASP A 494 -27.46 -3.98 29.50
N PRO A 495 -27.65 -4.98 28.64
CA PRO A 495 -29.00 -5.24 28.12
C PRO A 495 -29.95 -5.76 29.19
N ASP A 496 -29.47 -6.60 30.10
CA ASP A 496 -30.28 -7.07 31.21
C ASP A 496 -30.57 -5.98 32.24
N ASN A 497 -29.89 -4.84 32.16
CA ASN A 497 -30.08 -3.73 33.09
C ASN A 497 -29.86 -4.18 34.53
N ASP A 498 -28.79 -4.94 34.76
CA ASP A 498 -28.49 -5.46 36.09
C ASP A 498 -27.02 -5.85 36.16
N PRO A 499 -26.29 -5.37 37.18
CA PRO A 499 -24.87 -5.76 37.31
C PRO A 499 -24.66 -7.24 37.60
N GLU A 500 -25.72 -7.99 37.91
CA GLU A 500 -25.55 -9.41 38.17
C GLU A 500 -25.18 -10.19 36.91
N LYS A 501 -25.58 -9.69 35.75
CA LYS A 501 -25.31 -10.33 34.47
C LYS A 501 -24.32 -9.52 33.64
N MET A 502 -23.33 -8.91 34.29
CA MET A 502 -22.30 -8.13 33.64
C MET A 502 -20.99 -8.89 33.63
N TRP A 503 -20.20 -8.65 32.57
CA TRP A 503 -18.92 -9.33 32.37
C TRP A 503 -19.10 -10.85 32.39
N LYS A 504 -19.89 -11.33 31.43
CA LYS A 504 -20.28 -12.73 31.37
C LYS A 504 -19.24 -13.55 30.63
N GLU A 505 -19.07 -14.80 31.06
CA GLU A 505 -18.12 -15.69 30.43
C GLU A 505 -18.49 -15.93 28.98
N ARG A 506 -17.50 -16.40 28.21
CA ARG A 506 -17.79 -16.64 26.80
C ARG A 506 -17.96 -18.14 26.55
N PRO A 507 -18.71 -18.53 25.52
CA PRO A 507 -18.95 -19.95 25.29
C PRO A 507 -17.68 -20.69 24.87
N ALA A 508 -17.59 -21.94 25.32
CA ALA A 508 -16.42 -22.78 25.09
C ALA A 508 -16.80 -23.88 24.09
N ASN A 509 -16.33 -23.75 22.86
CA ASN A 509 -16.58 -24.75 21.84
C ASN A 509 -15.89 -26.06 22.21
N ASP A 510 -16.21 -27.10 21.44
CA ASP A 510 -15.62 -28.42 21.63
C ASP A 510 -14.34 -28.62 20.85
N SER A 511 -13.65 -27.53 20.51
CA SER A 511 -12.37 -27.60 19.80
C SER A 511 -11.23 -27.05 20.63
N GLY A 512 -11.46 -26.75 21.91
CA GLY A 512 -10.45 -26.20 22.77
C GLY A 512 -10.08 -27.16 23.90
N SER A 513 -8.96 -26.82 24.56
CA SER A 513 -8.45 -27.68 25.63
C SER A 513 -9.30 -27.57 26.89
N LYS A 514 -9.89 -26.40 27.14
CA LYS A 514 -10.68 -26.15 28.35
C LYS A 514 -9.87 -26.47 29.61
N ASP A 515 -8.79 -25.72 29.80
CA ASP A 515 -7.98 -25.98 30.97
C ASP A 515 -8.63 -25.41 32.23
N PRO A 516 -8.30 -25.96 33.39
CA PRO A 516 -8.74 -25.34 34.65
C PRO A 516 -7.93 -24.14 35.09
N SER A 517 -6.98 -23.70 34.26
CA SER A 517 -6.10 -22.58 34.61
C SER A 517 -6.49 -21.27 33.96
N VAL A 518 -6.99 -21.30 32.73
CA VAL A 518 -7.37 -20.10 31.99
C VAL A 518 -8.89 -20.06 31.87
N ARG A 519 -9.49 -18.95 32.27
CA ARG A 519 -10.93 -18.75 32.15
C ARG A 519 -11.19 -17.30 31.76
N VAL A 520 -11.78 -17.10 30.60
CA VAL A 520 -11.95 -15.76 30.03
C VAL A 520 -13.33 -15.23 30.41
N ILE A 521 -13.39 -13.94 30.69
CA ILE A 521 -14.66 -13.22 30.82
C ILE A 521 -14.63 -12.07 29.82
N GLN A 522 -15.82 -11.56 29.50
CA GLN A 522 -15.90 -10.57 28.44
C GLN A 522 -17.20 -9.79 28.57
N ASN A 523 -17.23 -8.64 27.90
CA ASN A 523 -18.41 -7.78 27.81
C ASN A 523 -18.11 -6.72 26.77
N GLY A 524 -19.16 -6.03 26.33
CA GLY A 524 -19.01 -5.02 25.32
C GLY A 524 -19.33 -3.62 25.82
N LEU A 525 -18.78 -2.61 25.16
CA LEU A 525 -19.02 -1.22 25.50
C LEU A 525 -20.04 -0.61 24.54
N GLU A 526 -20.39 0.66 24.80
CA GLU A 526 -21.41 1.35 24.03
C GLU A 526 -20.85 2.38 23.06
N ASN A 527 -19.98 3.28 23.52
CA ASN A 527 -19.34 4.25 22.65
C ASN A 527 -18.07 3.60 22.08
N ARG A 528 -18.13 3.20 20.81
CA ARG A 528 -17.00 2.48 20.22
C ARG A 528 -15.79 3.38 20.01
N ASN A 529 -15.97 4.70 20.03
CA ASN A 529 -14.88 5.60 19.68
C ASN A 529 -13.91 5.82 20.84
N ASP A 530 -14.43 5.90 22.06
CA ASP A 530 -13.59 6.18 23.23
C ASP A 530 -12.97 4.93 23.83
N ALA A 531 -12.85 3.86 23.04
CA ALA A 531 -12.33 2.59 23.53
C ALA A 531 -11.03 2.72 24.31
N ALA A 532 -10.06 3.45 23.73
CA ALA A 532 -8.71 3.49 24.28
C ALA A 532 -8.66 3.86 25.76
N LYS A 533 -9.52 4.79 26.18
CA LYS A 533 -9.56 5.21 27.58
C LYS A 533 -9.89 4.03 28.50
N LYS A 534 -11.03 3.38 28.26
CA LYS A 534 -11.39 2.22 29.05
C LYS A 534 -10.36 1.11 28.93
N ILE A 535 -9.73 0.97 27.77
CA ILE A 535 -8.73 -0.09 27.58
C ILE A 535 -7.54 0.14 28.50
N ASP A 536 -7.01 1.37 28.52
CA ASP A 536 -5.84 1.63 29.35
C ASP A 536 -6.22 1.59 30.83
N GLU A 537 -7.44 2.04 31.16
CA GLU A 537 -7.91 1.91 32.55
C GLU A 537 -7.96 0.45 32.97
N LEU A 538 -8.51 -0.42 32.12
CA LEU A 538 -8.53 -1.84 32.42
C LEU A 538 -7.12 -2.39 32.58
N ARG A 539 -6.21 -2.01 31.67
CA ARG A 539 -4.83 -2.45 31.77
C ARG A 539 -4.18 -1.99 33.06
N ALA A 540 -4.60 -0.85 33.60
CA ALA A 540 -4.01 -0.32 34.82
C ALA A 540 -4.59 -0.96 36.08
N LEU A 541 -5.71 -1.67 35.96
CA LEU A 541 -6.32 -2.31 37.12
C LEU A 541 -5.38 -3.39 37.68
N GLN A 542 -5.29 -3.44 39.00
CA GLN A 542 -4.42 -4.41 39.64
C GLN A 542 -5.13 -5.74 39.79
N PRO A 543 -4.53 -6.84 39.35
CA PRO A 543 -5.20 -8.14 39.42
C PRO A 543 -5.40 -8.57 40.86
N PRO A 544 -6.36 -9.46 41.13
CA PRO A 544 -6.63 -9.83 42.52
C PRO A 544 -5.51 -10.59 43.18
N HIS A 545 -4.73 -11.37 42.42
CA HIS A 545 -3.65 -12.16 42.98
C HIS A 545 -2.56 -12.28 41.92
N GLY A 546 -1.66 -13.24 42.11
CA GLY A 546 -0.56 -13.46 41.18
C GLY A 546 -0.98 -13.66 39.74
N ILE A 547 -2.23 -14.09 39.51
CA ILE A 547 -2.73 -14.23 38.15
C ILE A 547 -2.67 -12.89 37.43
N GLU A 548 -2.58 -12.95 36.11
CA GLU A 548 -2.40 -11.76 35.28
C GLU A 548 -3.56 -11.59 34.32
N VAL A 549 -3.77 -10.34 33.88
CA VAL A 549 -4.93 -9.98 33.09
C VAL A 549 -4.48 -9.50 31.72
N PHE A 550 -5.42 -9.57 30.76
CA PHE A 550 -5.21 -9.05 29.42
C PHE A 550 -6.56 -8.55 28.90
N VAL A 551 -6.52 -7.69 27.89
CA VAL A 551 -7.72 -7.03 27.39
C VAL A 551 -7.86 -7.20 25.89
N GLY A 552 -7.42 -8.33 25.36
CA GLY A 552 -7.29 -8.48 23.92
C GLY A 552 -8.56 -8.66 23.10
N GLY A 553 -9.35 -7.60 22.97
CA GLY A 553 -10.45 -7.56 22.04
C GLY A 553 -10.04 -6.99 20.70
N THR A 554 -11.06 -6.83 19.82
CA THR A 554 -10.78 -6.27 18.50
C THR A 554 -10.47 -4.77 18.56
N PRO A 555 -11.24 -3.94 19.27
CA PRO A 555 -10.78 -2.56 19.46
C PRO A 555 -9.45 -2.47 20.16
N ALA A 556 -9.13 -3.44 21.02
CA ALA A 556 -7.80 -3.49 21.63
C ALA A 556 -6.74 -3.69 20.58
N LEU A 557 -6.96 -4.64 19.65
CA LEU A 557 -6.04 -4.85 18.54
C LEU A 557 -5.82 -3.55 17.77
N GLU A 558 -6.91 -2.89 17.40
CA GLU A 558 -6.79 -1.68 16.58
C GLU A 558 -6.06 -0.57 17.33
N GLN A 559 -6.40 -0.36 18.60
CA GLN A 559 -5.76 0.70 19.38
C GLN A 559 -4.28 0.40 19.60
N ASP A 560 -3.93 -0.87 19.77
CA ASP A 560 -2.52 -1.22 19.93
C ASP A 560 -1.75 -0.96 18.65
N SER A 561 -2.34 -1.30 17.49
CA SER A 561 -1.69 -0.99 16.22
C SER A 561 -1.45 0.50 16.08
N ILE A 562 -2.49 1.30 16.34
CA ILE A 562 -2.36 2.76 16.22
C ILE A 562 -1.28 3.27 17.16
N HIS A 563 -1.29 2.83 18.41
CA HIS A 563 -0.35 3.33 19.39
C HIS A 563 1.08 2.99 19.01
N SER A 564 1.30 1.75 18.54
CA SER A 564 2.65 1.37 18.12
C SER A 564 3.13 2.20 16.94
N LEU A 565 2.26 2.39 15.95
CA LEU A 565 2.65 3.16 14.77
C LEU A 565 2.99 4.60 15.15
N PHE A 566 2.14 5.25 15.95
CA PHE A 566 2.41 6.62 16.33
C PHE A 566 3.55 6.73 17.33
N ASP A 567 3.91 5.64 18.00
CA ASP A 567 5.07 5.66 18.88
C ASP A 567 6.37 5.52 18.11
N LYS A 568 6.36 4.79 17.00
CA LYS A 568 7.59 4.56 16.24
C LYS A 568 7.65 5.38 14.94
N LEU A 569 6.73 6.31 14.74
CA LEU A 569 6.82 7.18 13.57
C LEU A 569 7.95 8.22 13.62
N PRO A 570 8.18 8.94 14.74
CA PRO A 570 9.22 9.98 14.72
C PRO A 570 10.61 9.48 14.39
N LEU A 571 11.00 8.31 14.91
CA LEU A 571 12.30 7.75 14.57
C LEU A 571 12.40 7.48 13.08
N MET A 572 11.31 6.99 12.48
CA MET A 572 11.31 6.76 11.03
C MET A 572 11.47 8.07 10.28
N ALA A 573 10.78 9.12 10.72
CA ALA A 573 10.91 10.42 10.04
C ALA A 573 12.34 10.92 10.12
N LEU A 574 12.97 10.83 11.29
CA LEU A 574 14.34 11.31 11.44
C LEU A 574 15.31 10.50 10.59
N ILE A 575 15.14 9.16 10.57
CA ILE A 575 16.01 8.32 9.75
C ILE A 575 15.85 8.67 8.29
N LEU A 576 14.61 8.91 7.84
CA LEU A 576 14.38 9.32 6.46
C LEU A 576 15.11 10.61 6.14
N ILE A 577 14.97 11.62 6.99
CA ILE A 577 15.62 12.91 6.74
C ILE A 577 17.12 12.73 6.65
N VAL A 578 17.72 12.07 7.64
CA VAL A 578 19.17 11.93 7.67
C VAL A 578 19.66 11.15 6.46
N THR A 579 19.01 10.02 6.15
CA THR A 579 19.45 9.20 5.03
C THR A 579 19.39 9.97 3.72
N THR A 580 18.26 10.60 3.42
CA THR A 580 18.13 11.29 2.15
C THR A 580 19.09 12.48 2.05
N THR A 581 19.23 13.25 3.13
CA THR A 581 20.14 14.38 3.10
C THR A 581 21.58 13.93 2.86
N VAL A 582 22.06 12.98 3.67
CA VAL A 582 23.43 12.51 3.54
C VAL A 582 23.67 11.92 2.14
N LEU A 583 22.76 11.05 1.69
CA LEU A 583 22.95 10.43 0.39
C LEU A 583 22.88 11.44 -0.75
N MET A 584 22.18 12.56 -0.55
CA MET A 584 22.15 13.58 -1.58
C MET A 584 23.43 14.41 -1.59
N PHE A 585 24.02 14.63 -0.41
CA PHE A 585 25.27 15.38 -0.35
C PHE A 585 26.36 14.74 -1.20
N LEU A 586 26.51 13.42 -1.10
CA LEU A 586 27.61 12.74 -1.78
C LEU A 586 27.48 12.79 -3.30
N ALA A 587 26.27 13.03 -3.83
CA ALA A 587 26.11 13.11 -5.27
C ALA A 587 26.75 14.37 -5.84
N PHE A 588 26.78 15.45 -5.09
CA PHE A 588 27.42 16.69 -5.53
C PHE A 588 27.69 17.55 -4.31
N GLY A 589 28.96 17.86 -4.06
CA GLY A 589 29.33 18.53 -2.83
C GLY A 589 28.70 19.89 -2.63
N SER A 590 27.71 19.93 -1.73
CA SER A 590 27.05 21.18 -1.34
C SER A 590 26.25 20.92 -0.06
N VAL A 591 26.35 21.82 0.91
CA VAL A 591 25.62 21.62 2.16
C VAL A 591 24.21 22.20 2.09
N VAL A 592 24.01 23.30 1.36
CA VAL A 592 22.74 24.02 1.41
C VAL A 592 21.78 23.57 0.31
N LEU A 593 22.20 22.66 -0.56
CA LEU A 593 21.28 22.07 -1.52
C LEU A 593 20.42 20.98 -0.89
N PRO A 594 20.99 20.09 -0.05
CA PRO A 594 20.13 19.15 0.67
C PRO A 594 19.10 19.83 1.55
N ILE A 595 19.42 20.98 2.14
CA ILE A 595 18.45 21.69 2.96
C ILE A 595 17.27 22.13 2.11
N LYS A 596 17.56 22.74 0.95
CA LYS A 596 16.48 23.17 0.07
C LYS A 596 15.65 21.98 -0.40
N ALA A 597 16.30 20.85 -0.71
CA ALA A 597 15.56 19.67 -1.15
C ALA A 597 14.66 19.14 -0.04
N ALA A 598 15.17 19.10 1.19
CA ALA A 598 14.37 18.62 2.31
C ALA A 598 13.18 19.53 2.59
N LEU A 599 13.39 20.85 2.49
CA LEU A 599 12.27 21.76 2.67
C LEU A 599 11.22 21.58 1.60
N MET A 600 11.64 21.47 0.34
CA MET A 600 10.65 21.30 -0.73
C MET A 600 9.90 19.98 -0.57
N SER A 601 10.60 18.92 -0.19
CA SER A 601 9.95 17.64 0.03
C SER A 601 8.96 17.71 1.19
N ALA A 602 9.34 18.35 2.29
CA ALA A 602 8.43 18.46 3.43
C ALA A 602 7.20 19.27 3.07
N LEU A 603 7.37 20.35 2.31
CA LEU A 603 6.21 21.16 1.93
C LEU A 603 5.27 20.38 1.01
N THR A 604 5.81 19.70 -0.01
CA THR A 604 4.91 18.95 -0.89
C THR A 604 4.25 17.79 -0.15
N LEU A 605 4.96 17.17 0.80
CA LEU A 605 4.38 16.08 1.58
C LEU A 605 3.22 16.61 2.44
N GLY A 606 3.45 17.70 3.17
CA GLY A 606 2.39 18.26 3.97
C GLY A 606 1.19 18.70 3.14
N SER A 607 1.45 19.27 1.97
CA SER A 607 0.34 19.71 1.11
C SER A 607 -0.48 18.53 0.60
N THR A 608 0.19 17.48 0.14
CA THR A 608 -0.53 16.31 -0.33
C THR A 608 -1.30 15.65 0.79
N MET A 609 -0.72 15.60 1.99
CA MET A 609 -1.43 15.03 3.13
C MET A 609 -2.66 15.85 3.48
N GLY A 610 -2.54 17.18 3.46
CA GLY A 610 -3.69 18.01 3.74
C GLY A 610 -4.79 17.84 2.72
N ILE A 611 -4.43 17.78 1.44
CA ILE A 611 -5.45 17.59 0.41
C ILE A 611 -6.12 16.24 0.55
N LEU A 612 -5.33 15.19 0.84
CA LEU A 612 -5.92 13.86 1.02
C LEU A 612 -6.87 13.83 2.20
N THR A 613 -6.51 14.50 3.30
CA THR A 613 -7.40 14.54 4.45
C THR A 613 -8.69 15.30 4.11
N TRP A 614 -8.56 16.49 3.53
CA TRP A 614 -9.74 17.25 3.13
C TRP A 614 -10.61 16.49 2.13
N MET A 615 -10.03 15.54 1.40
CA MET A 615 -10.80 14.81 0.40
C MET A 615 -11.44 13.54 0.94
N PHE A 616 -10.80 12.86 1.89
CA PHE A 616 -11.28 11.55 2.34
C PHE A 616 -11.85 11.52 3.74
N VAL A 617 -11.66 12.57 4.55
CA VAL A 617 -12.23 12.65 5.89
C VAL A 617 -13.31 13.73 5.96
N ASP A 618 -13.01 14.91 5.42
CA ASP A 618 -14.04 15.95 5.34
C ASP A 618 -15.16 15.55 4.38
N GLY A 619 -14.89 14.67 3.42
CA GLY A 619 -15.90 14.12 2.57
C GLY A 619 -16.13 14.83 1.26
N HIS A 620 -15.57 16.02 1.08
CA HIS A 620 -15.80 16.75 -0.16
C HIS A 620 -15.26 15.98 -1.36
N GLY A 621 -16.03 15.94 -2.43
CA GLY A 621 -15.65 15.18 -3.60
C GLY A 621 -15.95 13.70 -3.53
N SER A 622 -16.82 13.28 -2.60
CA SER A 622 -17.10 11.86 -2.44
C SER A 622 -18.07 11.36 -3.51
N GLY A 623 -19.26 11.95 -3.58
CA GLY A 623 -20.28 11.53 -4.51
C GLY A 623 -19.84 11.53 -5.97
N LEU A 624 -18.71 12.19 -6.25
CA LEU A 624 -18.16 12.18 -7.60
C LEU A 624 -17.33 10.92 -7.84
N MET A 625 -16.48 10.56 -6.88
CA MET A 625 -15.61 9.39 -7.02
C MET A 625 -16.23 8.12 -6.46
N ASN A 626 -17.47 8.16 -5.98
CA ASN A 626 -18.21 6.98 -5.54
C ASN A 626 -17.49 6.25 -4.41
N TYR A 627 -17.39 6.92 -3.27
CA TYR A 627 -16.87 6.30 -2.06
C TYR A 627 -17.62 6.89 -0.87
N THR A 628 -17.11 6.62 0.33
CA THR A 628 -17.79 7.04 1.55
C THR A 628 -16.78 7.64 2.52
N PRO A 629 -17.06 8.81 3.08
CA PRO A 629 -16.13 9.41 4.04
C PRO A 629 -16.01 8.55 5.29
N GLN A 630 -14.79 8.48 5.81
CA GLN A 630 -14.47 7.63 6.95
C GLN A 630 -13.05 7.93 7.40
N PRO A 631 -12.70 7.57 8.63
CA PRO A 631 -11.31 7.71 9.07
C PRO A 631 -10.37 6.93 8.15
N LEU A 632 -9.13 7.40 8.09
CA LEU A 632 -8.15 6.79 7.19
C LEU A 632 -7.69 5.44 7.73
N MET A 633 -6.93 4.74 6.91
CA MET A 633 -6.38 3.44 7.29
C MET A 633 -5.21 3.62 8.25
N ALA A 634 -5.00 2.62 9.11
CA ALA A 634 -3.97 2.75 10.14
C ALA A 634 -2.56 2.69 9.53
N PRO A 635 -2.12 1.57 8.90
CA PRO A 635 -0.75 1.48 8.38
C PRO A 635 -0.63 1.99 6.95
N MET A 636 -1.19 3.17 6.68
CA MET A 636 -1.10 3.80 5.37
C MET A 636 -0.43 5.16 5.43
N ILE A 637 -0.47 5.82 6.58
CA ILE A 637 0.23 7.10 6.73
C ILE A 637 1.74 6.89 6.70
N GLY A 638 2.19 5.66 6.95
CA GLY A 638 3.59 5.33 6.80
C GLY A 638 3.97 5.17 5.35
N LEU A 639 3.14 4.43 4.60
CA LEU A 639 3.44 4.17 3.20
C LEU A 639 3.39 5.46 2.38
N ILE A 640 2.36 6.29 2.61
CA ILE A 640 2.23 7.53 1.86
C ILE A 640 3.47 8.40 2.07
N ILE A 641 3.91 8.53 3.32
CA ILE A 641 5.08 9.34 3.62
C ILE A 641 6.31 8.75 2.94
N ALA A 642 6.56 7.46 3.16
CA ALA A 642 7.77 6.84 2.64
C ALA A 642 7.79 6.71 1.13
N VAL A 643 6.70 7.03 0.45
CA VAL A 643 6.69 7.09 -1.02
C VAL A 643 6.78 8.53 -1.53
N ILE A 644 6.02 9.44 -0.92
CA ILE A 644 6.02 10.83 -1.37
C ILE A 644 7.39 11.44 -1.15
N TRP A 645 7.97 11.23 0.04
CA TRP A 645 9.31 11.73 0.31
C TRP A 645 10.30 11.19 -0.71
N GLY A 646 10.21 9.91 -1.03
CA GLY A 646 11.08 9.28 -2.01
C GLY A 646 11.03 9.94 -3.36
N LEU A 647 9.84 10.03 -3.96
CA LEU A 647 9.77 10.58 -5.31
C LEU A 647 10.11 12.07 -5.32
N SER A 648 9.72 12.79 -4.26
CA SER A 648 9.99 14.23 -4.20
C SER A 648 11.48 14.50 -4.10
N THR A 649 12.22 13.69 -3.34
CA THR A 649 13.65 13.88 -3.31
C THR A 649 14.35 13.27 -4.51
N ASP A 650 13.61 12.46 -5.28
CA ASP A 650 14.14 11.82 -6.51
C ASP A 650 14.20 12.86 -7.63
N TYR A 651 13.14 13.66 -7.78
CA TYR A 651 13.08 14.70 -8.81
C TYR A 651 14.11 15.80 -8.56
N GLU A 652 14.26 16.22 -7.30
CA GLU A 652 15.24 17.24 -6.98
C GLU A 652 16.67 16.72 -7.23
N VAL A 653 16.93 15.47 -6.85
CA VAL A 653 18.24 14.88 -7.11
C VAL A 653 18.58 14.96 -8.59
N PHE A 654 17.60 14.65 -9.46
CA PHE A 654 17.86 14.70 -10.90
C PHE A 654 18.10 16.13 -11.37
N LEU A 655 17.20 17.04 -11.00
CA LEU A 655 17.26 18.40 -11.52
C LEU A 655 18.55 19.10 -11.08
N VAL A 656 18.82 19.08 -9.77
CA VAL A 656 20.03 19.72 -9.26
C VAL A 656 21.27 19.05 -9.84
N SER A 657 21.20 17.76 -10.16
CA SER A 657 22.33 17.08 -10.77
C SER A 657 22.65 17.65 -12.14
N ARG A 658 21.62 17.77 -12.99
CA ARG A 658 21.83 18.41 -14.29
C ARG A 658 22.34 19.84 -14.11
N MET A 659 21.77 20.57 -13.16
CA MET A 659 22.16 21.95 -12.91
C MET A 659 23.64 22.06 -12.55
N VAL A 660 24.10 21.21 -11.63
CA VAL A 660 25.50 21.31 -11.21
C VAL A 660 26.43 20.81 -12.31
N GLU A 661 25.99 19.81 -13.09
CA GLU A 661 26.78 19.42 -14.25
C GLU A 661 26.98 20.59 -15.20
N ALA A 662 25.94 21.40 -15.40
CA ALA A 662 26.10 22.60 -16.21
C ALA A 662 27.03 23.60 -15.54
N ARG A 663 26.83 23.83 -14.23
CA ARG A 663 27.60 24.80 -13.47
C ARG A 663 29.08 24.49 -13.41
N GLU A 664 29.47 23.21 -13.50
CA GLU A 664 30.81 22.79 -13.14
C GLU A 664 31.91 23.61 -13.83
N ARG A 665 31.75 23.88 -15.12
CA ARG A 665 32.91 24.36 -15.88
C ARG A 665 33.13 25.86 -15.69
N GLY A 666 32.25 26.69 -16.26
CA GLY A 666 32.44 28.13 -16.13
C GLY A 666 31.19 28.98 -16.13
N MET A 667 30.02 28.35 -16.13
CA MET A 667 28.78 29.10 -16.31
C MET A 667 28.26 29.65 -14.99
N SER A 668 27.80 30.90 -15.03
CA SER A 668 27.28 31.57 -13.84
C SER A 668 25.97 30.94 -13.39
N THR A 669 25.47 31.43 -12.25
CA THR A 669 24.30 30.81 -11.61
C THR A 669 23.09 30.82 -12.53
N ALA A 670 22.58 32.02 -12.86
CA ALA A 670 21.32 32.12 -13.60
C ALA A 670 21.37 31.34 -14.90
N GLU A 671 22.50 31.39 -15.60
CA GLU A 671 22.64 30.62 -16.83
C GLU A 671 22.56 29.12 -16.54
N ALA A 672 23.17 28.68 -15.44
CA ALA A 672 23.12 27.27 -15.08
C ALA A 672 21.70 26.82 -14.81
N ILE A 673 20.96 27.58 -13.98
CA ILE A 673 19.56 27.26 -13.73
C ILE A 673 18.76 27.21 -15.03
N ARG A 674 18.97 28.21 -15.90
CA ARG A 674 18.20 28.27 -17.14
C ARG A 674 18.46 27.05 -18.01
N ILE A 675 19.73 26.70 -18.22
CA ILE A 675 20.03 25.59 -19.11
C ILE A 675 19.59 24.27 -18.48
N GLY A 676 19.73 24.13 -17.16
CA GLY A 676 19.27 22.91 -16.50
C GLY A 676 17.79 22.70 -16.65
N THR A 677 17.00 23.76 -16.38
CA THR A 677 15.55 23.64 -16.52
C THR A 677 15.16 23.38 -17.97
N ALA A 678 15.78 24.08 -18.91
CA ALA A 678 15.48 23.89 -20.32
C ALA A 678 15.74 22.45 -20.74
N THR A 679 16.83 21.86 -20.25
CA THR A 679 17.15 20.48 -20.62
C THR A 679 16.20 19.49 -19.96
N THR A 680 15.92 19.69 -18.67
CA THR A 680 15.09 18.73 -17.93
C THR A 680 13.61 18.81 -18.27
N GLY A 681 13.17 19.90 -18.91
CA GLY A 681 11.76 20.10 -19.19
C GLY A 681 11.02 18.94 -19.85
N ARG A 682 11.38 18.62 -21.09
CA ARG A 682 10.63 17.62 -21.85
C ARG A 682 10.69 16.25 -21.19
N LEU A 683 11.86 15.88 -20.66
CA LEU A 683 11.99 14.56 -20.06
C LEU A 683 11.17 14.45 -18.77
N ILE A 684 11.20 15.49 -17.93
CA ILE A 684 10.40 15.46 -16.72
C ILE A 684 8.92 15.47 -17.06
N THR A 685 8.54 16.18 -18.13
CA THR A 685 7.14 16.17 -18.55
C THR A 685 6.70 14.78 -18.99
N GLY A 686 7.52 14.09 -19.78
CA GLY A 686 7.20 12.73 -20.17
C GLY A 686 7.11 11.79 -18.98
N ALA A 687 8.05 11.92 -18.05
CA ALA A 687 8.02 11.11 -16.83
C ALA A 687 6.73 11.32 -16.05
N ALA A 688 6.37 12.58 -15.84
CA ALA A 688 5.15 12.90 -15.11
C ALA A 688 3.94 12.35 -15.85
N LEU A 689 3.92 12.44 -17.17
CA LEU A 689 2.76 11.95 -17.92
C LEU A 689 2.62 10.43 -17.78
N ILE A 690 3.73 9.69 -17.88
CA ILE A 690 3.65 8.24 -17.73
C ILE A 690 3.15 7.88 -16.34
N LEU A 691 3.78 8.43 -15.30
CA LEU A 691 3.42 8.07 -13.93
C LEU A 691 1.98 8.46 -13.64
N ALA A 692 1.56 9.64 -14.10
CA ALA A 692 0.20 10.09 -13.86
C ALA A 692 -0.81 9.23 -14.61
N VAL A 693 -0.47 8.78 -15.82
CA VAL A 693 -1.41 7.93 -16.55
C VAL A 693 -1.61 6.60 -15.82
N VAL A 694 -0.53 6.01 -15.31
CA VAL A 694 -0.69 4.75 -14.59
C VAL A 694 -1.47 4.97 -13.29
N ALA A 695 -1.12 6.01 -12.53
CA ALA A 695 -1.84 6.28 -11.29
C ALA A 695 -3.32 6.57 -11.57
N GLY A 696 -3.62 7.24 -12.67
CA GLY A 696 -5.01 7.50 -13.01
C GLY A 696 -5.76 6.23 -13.40
N ALA A 697 -5.08 5.34 -14.12
CA ALA A 697 -5.69 4.05 -14.44
C ALA A 697 -5.98 3.25 -13.18
N PHE A 698 -5.21 3.50 -12.11
CA PHE A 698 -5.50 2.84 -10.84
C PHE A 698 -6.50 3.60 -9.97
N VAL A 699 -6.72 4.88 -10.23
CA VAL A 699 -7.67 5.67 -9.44
C VAL A 699 -9.05 5.02 -9.41
N PHE A 700 -9.46 4.41 -10.53
CA PHE A 700 -10.83 3.95 -10.69
C PHE A 700 -11.11 2.65 -9.97
N SER A 701 -10.31 2.31 -8.96
CA SER A 701 -10.51 1.09 -8.18
C SER A 701 -11.77 1.20 -7.34
N ASP A 702 -12.03 0.15 -6.55
CA ASP A 702 -13.14 0.11 -5.61
C ASP A 702 -12.69 0.19 -4.17
N LEU A 703 -11.73 -0.66 -3.79
CA LEU A 703 -11.16 -0.63 -2.44
C LEU A 703 -10.58 0.75 -2.16
N VAL A 704 -11.05 1.39 -1.09
CA VAL A 704 -10.73 2.79 -0.83
C VAL A 704 -9.23 2.99 -0.62
N MET A 705 -8.52 1.96 -0.15
CA MET A 705 -7.08 2.11 0.03
C MET A 705 -6.38 2.35 -1.29
N MET A 706 -6.83 1.71 -2.36
CA MET A 706 -6.26 1.95 -3.69
C MET A 706 -6.52 3.38 -4.13
N LYS A 707 -7.75 3.86 -3.96
CA LYS A 707 -8.05 5.25 -4.29
C LYS A 707 -7.19 6.20 -3.47
N TYR A 708 -6.99 5.88 -2.19
CA TYR A 708 -6.16 6.73 -1.33
C TYR A 708 -4.75 6.84 -1.86
N LEU A 709 -4.11 5.69 -2.13
CA LEU A 709 -2.74 5.71 -2.62
C LEU A 709 -2.64 6.38 -3.99
N ALA A 710 -3.64 6.16 -4.85
CA ALA A 710 -3.59 6.73 -6.20
C ALA A 710 -3.75 8.24 -6.17
N PHE A 711 -4.69 8.76 -5.38
CA PHE A 711 -4.81 10.20 -5.26
C PHE A 711 -3.58 10.80 -4.59
N GLY A 712 -3.01 10.11 -3.61
CA GLY A 712 -1.75 10.58 -3.04
C GLY A 712 -0.69 10.76 -4.11
N LEU A 713 -0.48 9.71 -4.92
CA LEU A 713 0.56 9.78 -5.95
C LEU A 713 0.25 10.86 -6.97
N LEU A 714 -1.00 10.97 -7.42
CA LEU A 714 -1.33 11.94 -8.46
C LEU A 714 -1.17 13.37 -7.96
N ILE A 715 -1.69 13.67 -6.77
CA ILE A 715 -1.56 15.00 -6.20
C ILE A 715 -0.09 15.35 -5.99
N ALA A 716 0.65 14.44 -5.36
CA ALA A 716 2.08 14.71 -5.15
C ALA A 716 2.78 14.95 -6.47
N LEU A 717 2.48 14.15 -7.48
CA LEU A 717 3.16 14.26 -8.76
C LEU A 717 2.91 15.62 -9.40
N LEU A 718 1.64 15.97 -9.61
CA LEU A 718 1.34 17.23 -10.28
C LEU A 718 1.80 18.42 -9.46
N LEU A 719 1.39 18.48 -8.19
CA LEU A 719 1.71 19.62 -7.35
C LEU A 719 3.21 19.80 -7.20
N ASP A 720 3.96 18.71 -7.02
CA ASP A 720 5.40 18.82 -7.00
C ASP A 720 5.91 19.33 -8.33
N ALA A 721 5.77 18.54 -9.39
CA ALA A 721 6.44 18.85 -10.64
C ALA A 721 6.10 20.26 -11.09
N THR A 722 4.85 20.49 -11.48
CA THR A 722 4.55 21.76 -12.15
C THR A 722 4.84 22.94 -11.23
N ILE A 723 4.07 23.07 -10.16
CA ILE A 723 4.17 24.25 -9.30
C ILE A 723 5.56 24.32 -8.67
N ILE A 724 5.91 23.31 -7.86
CA ILE A 724 7.19 23.34 -7.15
C ILE A 724 8.32 23.67 -8.12
N ARG A 725 8.54 22.81 -9.11
CA ARG A 725 9.69 23.01 -9.98
C ARG A 725 9.65 24.39 -10.61
N MET A 726 8.70 24.63 -11.52
CA MET A 726 8.82 25.77 -12.43
C MET A 726 8.20 27.05 -11.88
N PHE A 727 7.91 27.10 -10.57
CA PHE A 727 7.59 28.39 -9.99
C PHE A 727 8.19 28.54 -8.59
N LEU A 728 9.01 27.60 -8.14
CA LEU A 728 9.66 27.81 -6.87
C LEU A 728 11.16 27.55 -6.90
N VAL A 729 11.62 26.56 -7.67
CA VAL A 729 13.03 26.20 -7.57
C VAL A 729 13.91 27.32 -8.10
N PRO A 730 13.64 27.89 -9.29
CA PRO A 730 14.43 29.06 -9.70
C PRO A 730 14.36 30.21 -8.71
N ALA A 731 13.18 30.46 -8.13
CA ALA A 731 13.02 31.59 -7.23
C ALA A 731 13.87 31.45 -5.98
N VAL A 732 13.76 30.30 -5.29
CA VAL A 732 14.53 30.12 -4.07
C VAL A 732 16.02 30.00 -4.40
N MET A 733 16.36 29.43 -5.54
CA MET A 733 17.77 29.35 -5.93
C MET A 733 18.36 30.73 -6.13
N LYS A 734 17.63 31.62 -6.81
CA LYS A 734 18.13 32.96 -7.04
C LYS A 734 18.18 33.76 -5.75
N LEU A 735 17.17 33.62 -4.90
CA LEU A 735 17.20 34.29 -3.60
C LEU A 735 18.41 33.85 -2.80
N LEU A 736 18.73 32.55 -2.86
CA LEU A 736 19.96 32.01 -2.30
C LEU A 736 21.12 32.11 -3.30
N GLY A 737 21.04 33.06 -4.23
CA GLY A 737 21.95 33.07 -5.37
C GLY A 737 23.40 33.06 -4.95
N ASP A 738 24.19 32.25 -5.66
CA ASP A 738 25.64 32.18 -5.68
C ASP A 738 26.24 31.81 -4.32
N ASP A 739 25.40 31.76 -3.28
CA ASP A 739 25.78 31.08 -2.06
C ASP A 739 25.09 29.72 -2.00
N CYS A 740 25.39 28.88 -2.98
CA CYS A 740 24.74 27.53 -3.02
C CYS A 740 25.82 26.45 -3.06
N TRP A 741 26.94 26.64 -2.34
CA TRP A 741 27.97 25.57 -2.39
C TRP A 741 28.96 25.90 -1.29
N TRP A 742 28.51 26.77 -0.38
CA TRP A 742 29.23 27.23 0.79
C TRP A 742 29.98 26.12 1.52
N ALA A 743 29.65 24.86 1.20
CA ALA A 743 30.08 23.67 1.94
C ALA A 743 31.51 23.80 2.44
N PRO A 744 31.75 23.54 3.73
CA PRO A 744 33.06 23.83 4.33
C PRO A 744 34.18 22.96 3.77
N ARG A 745 35.35 23.58 3.57
CA ARG A 745 36.48 22.96 2.89
C ARG A 745 36.86 21.58 3.43
N TRP A 746 36.91 21.44 4.75
CA TRP A 746 37.44 20.22 5.36
C TRP A 746 36.63 18.99 4.96
N MET A 747 35.36 18.94 5.37
CA MET A 747 34.54 17.78 5.08
C MET A 747 34.33 17.63 3.58
N LYS A 748 34.10 18.75 2.88
CA LYS A 748 33.95 18.72 1.43
C LYS A 748 35.09 17.96 0.77
N ARG A 749 36.32 18.45 0.96
CA ARG A 749 37.46 17.79 0.34
C ARG A 749 37.57 16.34 0.82
N VAL A 750 37.77 16.15 2.13
CA VAL A 750 38.20 14.85 2.64
C VAL A 750 37.16 13.77 2.33
N GLN A 751 35.90 14.15 2.17
CA GLN A 751 34.89 13.11 1.92
C GLN A 751 34.45 13.07 0.46
N GLU A 752 33.99 14.19 -0.10
CA GLU A 752 33.51 14.18 -1.47
C GLU A 752 34.63 13.83 -2.45
N LYS A 753 35.85 14.32 -2.23
CA LYS A 753 36.93 14.02 -3.15
C LYS A 753 37.46 12.61 -3.00
N LEU A 754 37.69 12.16 -1.77
CA LEU A 754 38.12 10.79 -1.55
C LEU A 754 36.91 9.86 -1.68
N GLY A 755 36.54 9.52 -2.90
CA GLY A 755 35.41 8.67 -3.16
C GLY A 755 34.91 8.82 -4.58
N LEU A 756 33.59 8.96 -4.71
CA LEU A 756 32.89 9.01 -5.98
C LEU A 756 33.51 10.01 -6.96
N GLY A 757 33.53 11.29 -6.60
CA GLY A 757 34.16 12.31 -7.40
C GLY A 757 33.17 13.05 -8.29
N GLU A 758 33.73 14.01 -9.04
CA GLU A 758 32.92 14.80 -9.96
C GLU A 758 32.88 14.21 -11.37
N THR A 759 33.98 13.58 -11.81
CA THR A 759 34.10 12.85 -13.07
C THR A 759 33.35 13.48 -14.25
N GLU A 760 33.68 14.73 -14.56
CA GLU A 760 33.15 15.35 -15.77
C GLU A 760 33.55 14.52 -16.99
N LEU A 761 32.56 14.13 -17.78
CA LEU A 761 32.77 13.20 -18.87
C LEU A 761 33.66 13.81 -19.95
N PRO A 762 34.83 13.23 -20.23
CA PRO A 762 35.68 13.76 -21.29
C PRO A 762 35.26 13.28 -22.66
N ASP A 763 35.16 14.20 -23.62
CA ASP A 763 34.83 13.86 -25.00
C ASP A 763 36.11 13.72 -25.80
N GLU A 764 36.32 12.54 -26.40
CA GLU A 764 37.50 12.25 -27.20
C GLU A 764 37.10 12.16 -28.67
N ARG A 765 38.07 11.84 -29.52
CA ARG A 765 37.84 11.76 -30.95
C ARG A 765 37.03 10.52 -31.31
#